data_8FE5
#
_entry.id   8FE5
#
_cell.length_a   50.594
_cell.length_b   171.715
_cell.length_c   62.204
_cell.angle_alpha   90.000
_cell.angle_beta   90.010
_cell.angle_gamma   90.000
#
_symmetry.space_group_name_H-M   'P 1 21 1'
#
loop_
_entity.id
_entity.type
_entity.pdbx_description
1 polymer 'DnaJ homolog subfamily B member 1,cAMP-dependent protein kinase catalytic subunit alpha'
2 polymer 'cAMP-dependent protein kinase inhibitor alpha'
3 non-polymer 6-[(6P)-6-(1-methyl-1H-imidazol-5-yl)-2,3-dihydro-4H-1,4-thiazin-4-yl]-7,9-dihydro-8H-purin-8-one
4 water water
#
loop_
_entity_poly.entity_id
_entity_poly.type
_entity_poly.pdbx_seq_one_letter_code
_entity_poly.pdbx_strand_id
1 'polypeptide(L)'
;GKDYYQTLGLARGASDEEIKRAYRRQALRYHPDKNKEPGAEEKFKEIAEAYDVLSDPRKREIFDRYGEEVKEFLAKAKED
FLKKWESPAQNTAHLDQFERIKTLGTGSFGRVMLVKHKETGNHYAMKILDKQKVVKLKQIEHTLNEKRILQAVNFPFLVK
LEFSFKDNSNLYMVMEYVPGGEMFSHLRRIGRF(SEP)EPHARFYAAQIVLTFEYLHSLDLIYRDLKPENLLIDQQGYIQ
VTDFGFAKRVKGRTW(TPO)LCGTPEYLAPEIILSKGYNKAVDWWALGVLIYEMAAGYPPFFADQPIQIYEKIVSGKVRF
PSHFSSDLKDLLRNLLQVDLTKRFGNLKNGVNDIKNHKWFATTDWIAIYQRKVEAPFIPKFKGPGDTSNFDDYEEEEIRV
(SEP)INEKCGKEFSEF
;
A,B
2 'polypeptide(L)' TTYADFIASGRTGRRNAIHD I,J
#
loop_
_chem_comp.id
_chem_comp.type
_chem_comp.name
_chem_comp.formula
XTT non-polymer 6-[(6P)-6-(1-methyl-1H-imidazol-5-yl)-2,3-dihydro-4H-1,4-thiazin-4-yl]-7,9-dihydro-8H-purin-8-one 'C13 H13 N7 O S'
#
# COMPACT_ATOMS: atom_id res chain seq x y z
N LYS A 2 27.14 8.92 -23.92
CA LYS A 2 27.07 10.38 -24.05
C LYS A 2 27.15 10.77 -25.52
N ASP A 3 26.05 11.29 -26.07
CA ASP A 3 25.97 11.58 -27.50
C ASP A 3 26.95 12.69 -27.85
N TYR A 4 27.85 12.42 -28.80
CA TYR A 4 28.85 13.41 -29.19
C TYR A 4 28.21 14.61 -29.89
N TYR A 5 27.16 14.37 -30.67
CA TYR A 5 26.47 15.47 -31.32
C TYR A 5 25.84 16.40 -30.29
N GLN A 6 25.25 15.84 -29.23
CA GLN A 6 24.68 16.66 -28.17
C GLN A 6 25.75 17.42 -27.40
N THR A 7 26.96 16.84 -27.30
CA THR A 7 28.06 17.51 -26.59
C THR A 7 28.52 18.76 -27.34
N LEU A 8 28.60 18.71 -28.66
CA LEU A 8 28.99 19.83 -29.47
C LEU A 8 27.81 20.69 -29.90
N GLY A 9 26.61 20.40 -29.40
CA GLY A 9 25.38 21.04 -29.86
C GLY A 9 25.22 21.04 -31.37
N LEU A 10 25.02 19.87 -31.98
CA LEU A 10 25.02 19.78 -33.43
C LEU A 10 23.89 18.88 -33.91
N ALA A 11 23.59 19.04 -35.21
CA ALA A 11 22.69 18.16 -35.94
C ALA A 11 23.47 16.95 -36.47
N ARG A 12 22.91 15.76 -36.24
CA ARG A 12 23.49 14.51 -36.74
C ARG A 12 24.07 14.68 -38.13
N GLY A 13 23.48 15.56 -38.94
CA GLY A 13 23.88 15.83 -40.30
C GLY A 13 24.95 16.89 -40.46
N ALA A 14 25.56 17.35 -39.37
CA ALA A 14 26.45 18.52 -39.41
C ALA A 14 27.57 18.38 -40.45
N SER A 15 27.89 19.50 -41.11
CA SER A 15 29.07 19.55 -41.95
C SER A 15 30.33 19.55 -41.08
N ASP A 16 31.47 19.28 -41.73
CA ASP A 16 32.73 19.23 -40.99
C ASP A 16 33.16 20.61 -40.53
N GLU A 17 32.73 21.66 -41.23
CA GLU A 17 33.01 23.01 -40.78
C GLU A 17 32.13 23.39 -39.59
N GLU A 18 30.86 22.98 -39.62
CA GLU A 18 30.01 23.17 -38.45
C GLU A 18 30.56 22.43 -37.25
N ILE A 19 31.13 21.24 -37.45
CA ILE A 19 31.76 20.52 -36.35
C ILE A 19 32.98 21.28 -35.83
N LYS A 20 33.82 21.79 -36.74
CA LYS A 20 35.00 22.52 -36.30
C LYS A 20 34.65 23.86 -35.68
N ARG A 21 33.50 24.45 -36.03
CA ARG A 21 33.13 25.70 -35.38
C ARG A 21 32.38 25.48 -34.06
N ALA A 22 31.51 24.47 -33.99
CA ALA A 22 30.88 24.13 -32.71
C ALA A 22 31.93 23.70 -31.67
N TYR A 23 33.02 23.11 -32.12
CA TYR A 23 34.04 22.68 -31.18
C TYR A 23 34.77 23.87 -30.56
N ARG A 24 35.11 24.88 -31.36
CA ARG A 24 35.74 26.08 -30.80
C ARG A 24 34.77 26.87 -29.91
N ARG A 25 33.48 26.87 -30.26
CA ARG A 25 32.49 27.61 -29.49
C ARG A 25 32.28 27.01 -28.10
N GLN A 26 32.30 25.67 -28.01
CA GLN A 26 32.07 24.99 -26.73
C GLN A 26 33.32 25.00 -25.85
N ALA A 27 34.49 24.73 -26.44
CA ALA A 27 35.72 24.66 -25.65
C ALA A 27 36.03 25.98 -24.97
N LEU A 28 35.69 27.09 -25.62
CA LEU A 28 35.83 28.39 -24.98
C LEU A 28 35.01 28.47 -23.70
N ARG A 29 33.72 28.15 -23.78
CA ARG A 29 32.82 28.27 -22.62
C ARG A 29 33.31 27.47 -21.43
N TYR A 30 34.08 26.41 -21.66
CA TYR A 30 34.53 25.57 -20.56
C TYR A 30 36.05 25.54 -20.41
N HIS A 31 36.77 26.29 -21.26
CA HIS A 31 38.20 26.47 -21.07
C HIS A 31 38.47 27.00 -19.66
N PRO A 32 39.41 26.42 -18.90
CA PRO A 32 39.69 26.93 -17.55
C PRO A 32 40.09 28.41 -17.52
N ASP A 33 40.68 28.93 -18.61
CA ASP A 33 40.93 30.36 -18.76
C ASP A 33 39.64 31.18 -18.69
N LYS A 34 38.48 30.54 -18.80
CA LYS A 34 37.20 31.23 -18.72
C LYS A 34 36.24 30.57 -17.73
N ASN A 35 36.66 29.53 -17.01
CA ASN A 35 35.74 28.69 -16.28
C ASN A 35 36.45 27.78 -15.29
N LYS A 36 36.55 28.24 -14.04
CA LYS A 36 37.12 27.46 -12.94
C LYS A 36 36.06 26.67 -12.19
N GLU A 37 34.77 26.96 -12.42
CA GLU A 37 33.66 26.37 -11.69
C GLU A 37 33.69 24.84 -11.76
N PRO A 38 33.09 24.13 -10.80
CA PRO A 38 33.31 22.68 -10.72
C PRO A 38 32.69 21.96 -11.92
N GLY A 39 33.48 21.04 -12.49
CA GLY A 39 33.06 20.27 -13.63
C GLY A 39 33.49 20.81 -14.98
N ALA A 40 33.98 22.05 -15.04
CA ALA A 40 34.46 22.58 -16.32
C ALA A 40 35.65 21.79 -16.82
N GLU A 41 36.42 21.19 -15.90
CA GLU A 41 37.52 20.31 -16.28
C GLU A 41 37.03 19.13 -17.11
N GLU A 42 35.97 18.45 -16.64
CA GLU A 42 35.46 17.28 -17.34
C GLU A 42 34.70 17.64 -18.61
N LYS A 43 33.88 18.69 -18.58
CA LYS A 43 33.18 19.10 -19.79
C LYS A 43 34.17 19.56 -20.87
N PHE A 44 35.30 20.15 -20.47
CA PHE A 44 36.34 20.45 -21.44
C PHE A 44 36.94 19.17 -22.02
N LYS A 45 37.14 18.15 -21.19
CA LYS A 45 37.64 16.88 -21.69
C LYS A 45 36.62 16.23 -22.62
N GLU A 46 35.33 16.32 -22.28
CA GLU A 46 34.29 15.69 -23.08
C GLU A 46 34.11 16.37 -24.42
N ILE A 47 34.35 17.69 -24.47
CA ILE A 47 34.24 18.39 -25.74
C ILE A 47 35.42 18.02 -26.62
N ALA A 48 36.56 17.72 -26.00
CA ALA A 48 37.73 17.26 -26.76
C ALA A 48 37.47 15.90 -27.42
N GLU A 49 36.89 14.97 -26.66
CA GLU A 49 36.60 13.65 -27.23
C GLU A 49 35.61 13.76 -28.37
N ALA A 50 34.58 14.59 -28.22
CA ALA A 50 33.53 14.67 -29.24
C ALA A 50 34.09 15.18 -30.57
N TYR A 51 34.91 16.23 -30.54
CA TYR A 51 35.54 16.71 -31.76
C TYR A 51 36.47 15.64 -32.35
N ASP A 52 37.18 14.88 -31.52
CA ASP A 52 38.08 13.86 -32.03
C ASP A 52 37.31 12.76 -32.79
N VAL A 53 36.16 12.35 -32.27
CA VAL A 53 35.39 11.32 -32.95
C VAL A 53 34.70 11.89 -34.18
N LEU A 54 34.02 13.03 -34.05
CA LEU A 54 33.14 13.49 -35.12
C LEU A 54 33.89 14.02 -36.33
N SER A 55 35.13 14.49 -36.16
CA SER A 55 35.90 15.03 -37.27
C SER A 55 36.76 13.98 -37.99
N ASP A 56 36.92 12.77 -37.42
CA ASP A 56 37.52 11.64 -38.13
C ASP A 56 36.39 10.91 -38.85
N PRO A 57 36.35 10.92 -40.18
CA PRO A 57 35.21 10.28 -40.86
C PRO A 57 35.13 8.79 -40.61
N ARG A 58 36.22 8.16 -40.16
CA ARG A 58 36.14 6.74 -39.88
C ARG A 58 35.49 6.48 -38.51
N LYS A 59 35.84 7.26 -37.48
CA LYS A 59 35.16 7.14 -36.20
C LYS A 59 33.72 7.65 -36.28
N ARG A 60 33.49 8.71 -37.04
CA ARG A 60 32.14 9.23 -37.21
C ARG A 60 31.23 8.21 -37.86
N GLU A 61 31.73 7.43 -38.80
CA GLU A 61 30.85 6.48 -39.46
C GLU A 61 30.37 5.41 -38.50
N ILE A 62 31.25 4.89 -37.65
CA ILE A 62 30.76 3.82 -36.82
C ILE A 62 30.13 4.33 -35.54
N PHE A 63 30.44 5.56 -35.13
CA PHE A 63 29.60 6.13 -34.08
C PHE A 63 28.17 6.34 -34.58
N ASP A 64 28.01 6.76 -35.84
CA ASP A 64 26.72 6.96 -36.46
C ASP A 64 25.92 5.68 -36.59
N ARG A 65 26.54 4.52 -36.38
CA ARG A 65 25.80 3.28 -36.52
C ARG A 65 24.75 3.10 -35.45
N TYR A 66 24.88 3.75 -34.29
CA TYR A 66 23.82 3.61 -33.28
C TYR A 66 22.49 4.13 -33.83
N GLY A 67 22.49 5.36 -34.34
CA GLY A 67 21.27 5.90 -34.91
C GLY A 67 20.83 5.19 -36.18
N GLU A 68 21.77 4.63 -36.92
CA GLU A 68 21.42 3.93 -38.16
C GLU A 68 20.74 2.61 -37.85
N GLU A 69 21.15 1.97 -36.75
CA GLU A 69 20.51 0.75 -36.28
C GLU A 69 19.07 0.99 -35.86
N VAL A 70 18.84 2.05 -35.07
CA VAL A 70 17.48 2.40 -34.68
C VAL A 70 16.64 2.71 -35.91
N LYS A 71 17.20 3.52 -36.83
CA LYS A 71 16.50 3.85 -38.06
C LYS A 71 16.07 2.60 -38.83
N GLU A 72 16.93 1.58 -38.91
CA GLU A 72 16.61 0.36 -39.67
C GLU A 72 15.58 -0.49 -38.94
N PHE A 73 15.77 -0.69 -37.64
CA PHE A 73 14.80 -1.40 -36.83
C PHE A 73 13.41 -0.82 -37.03
N LEU A 74 13.28 0.51 -36.96
CA LEU A 74 11.96 1.13 -37.11
C LEU A 74 11.44 0.95 -38.53
N ALA A 75 12.27 1.21 -39.54
CA ALA A 75 11.84 1.04 -40.92
C ALA A 75 11.25 -0.36 -41.14
N LYS A 76 11.87 -1.38 -40.54
CA LYS A 76 11.34 -2.74 -40.65
C LYS A 76 10.09 -2.91 -39.79
N ALA A 77 10.06 -2.30 -38.61
CA ALA A 77 8.87 -2.44 -37.77
C ALA A 77 7.66 -1.79 -38.44
N LYS A 78 7.86 -0.75 -39.25
CA LYS A 78 6.75 -0.14 -39.98
C LYS A 78 6.23 -1.06 -41.09
N GLU A 79 7.15 -1.67 -41.83
CA GLU A 79 6.75 -2.57 -42.91
C GLU A 79 5.91 -3.72 -42.38
N ASP A 80 6.31 -4.28 -41.24
CA ASP A 80 5.57 -5.41 -40.69
C ASP A 80 4.23 -4.96 -40.13
N PHE A 81 4.18 -3.77 -39.54
CA PHE A 81 2.93 -3.24 -39.02
C PHE A 81 1.93 -2.95 -40.14
N LEU A 82 2.37 -2.28 -41.21
CA LEU A 82 1.45 -1.93 -42.28
C LEU A 82 0.90 -3.19 -42.98
N LYS A 83 1.68 -4.25 -43.06
CA LYS A 83 1.14 -5.52 -43.55
C LYS A 83 -0.05 -5.97 -42.70
N LYS A 84 0.14 -6.08 -41.38
CA LYS A 84 -1.00 -6.46 -40.56
C LYS A 84 -2.08 -5.37 -40.51
N TRP A 85 -1.72 -4.10 -40.73
CA TRP A 85 -2.70 -3.02 -40.76
C TRP A 85 -3.66 -3.16 -41.93
N GLU A 86 -3.17 -3.62 -43.08
CA GLU A 86 -3.96 -3.79 -44.29
C GLU A 86 -4.72 -5.12 -44.33
N SER A 87 -4.26 -6.15 -43.61
CA SER A 87 -4.97 -7.42 -43.55
C SER A 87 -5.11 -7.88 -42.11
N PRO A 88 -6.07 -7.34 -41.37
CA PRO A 88 -6.20 -7.66 -39.94
C PRO A 88 -6.86 -9.00 -39.69
N ALA A 89 -6.46 -9.65 -38.60
CA ALA A 89 -6.99 -10.97 -38.25
C ALA A 89 -8.43 -10.88 -37.74
N GLN A 90 -9.30 -11.72 -38.26
CA GLN A 90 -10.68 -11.82 -37.82
C GLN A 90 -10.97 -13.25 -37.36
N ASN A 91 -11.87 -13.36 -36.38
CA ASN A 91 -12.56 -14.60 -36.06
C ASN A 91 -11.59 -15.78 -35.87
N THR A 92 -10.65 -15.60 -34.96
CA THR A 92 -9.58 -16.56 -34.80
C THR A 92 -9.80 -17.49 -33.60
N ALA A 93 -10.98 -17.49 -33.02
CA ALA A 93 -11.35 -18.51 -32.03
C ALA A 93 -12.86 -18.43 -31.79
N HIS A 94 -13.31 -19.07 -30.72
CA HIS A 94 -14.72 -19.10 -30.38
C HIS A 94 -14.82 -19.17 -28.86
N LEU A 95 -15.89 -18.58 -28.33
CA LEU A 95 -16.04 -18.47 -26.88
C LEU A 95 -16.02 -19.84 -26.20
N ASP A 96 -16.67 -20.84 -26.81
CA ASP A 96 -16.70 -22.16 -26.21
C ASP A 96 -15.32 -22.81 -26.09
N GLN A 97 -14.26 -22.21 -26.63
CA GLN A 97 -12.93 -22.76 -26.49
C GLN A 97 -12.24 -22.36 -25.19
N PHE A 98 -12.90 -21.56 -24.34
CA PHE A 98 -12.26 -21.03 -23.15
C PHE A 98 -13.08 -21.32 -21.91
N GLU A 99 -12.38 -21.64 -20.84
CA GLU A 99 -12.96 -21.82 -19.53
C GLU A 99 -12.89 -20.50 -18.78
N ARG A 100 -14.04 -19.97 -18.38
CA ARG A 100 -14.09 -18.72 -17.62
C ARG A 100 -13.83 -18.96 -16.13
N ILE A 101 -12.90 -18.17 -15.56
CA ILE A 101 -12.40 -18.42 -14.21
C ILE A 101 -12.73 -17.28 -13.24
N LYS A 102 -12.26 -16.07 -13.52
CA LYS A 102 -12.32 -14.96 -12.58
C LYS A 102 -12.42 -13.66 -13.37
N THR A 103 -13.14 -12.69 -12.81
CA THR A 103 -13.11 -11.34 -13.37
C THR A 103 -11.86 -10.63 -12.88
N LEU A 104 -11.11 -10.02 -13.82
CA LEU A 104 -9.90 -9.27 -13.49
C LEU A 104 -10.11 -7.76 -13.46
N GLY A 105 -11.32 -7.27 -13.73
CA GLY A 105 -11.57 -5.85 -13.70
C GLY A 105 -12.80 -5.47 -14.50
N THR A 106 -13.45 -4.36 -14.14
CA THR A 106 -14.71 -3.99 -14.75
C THR A 106 -14.62 -2.62 -15.41
N GLY A 107 -15.54 -2.38 -16.33
CA GLY A 107 -15.60 -1.10 -17.02
C GLY A 107 -17.00 -0.87 -17.55
N SER A 108 -17.22 0.35 -18.05
CA SER A 108 -18.51 0.68 -18.62
C SER A 108 -18.79 -0.16 -19.85
N PHE A 109 -17.73 -0.64 -20.52
CA PHE A 109 -17.86 -1.39 -21.77
C PHE A 109 -18.24 -2.84 -21.54
N GLY A 110 -17.74 -3.43 -20.47
CA GLY A 110 -17.72 -4.86 -20.16
C GLY A 110 -16.67 -5.12 -19.09
N ARG A 111 -16.05 -6.30 -19.15
CA ARG A 111 -15.11 -6.73 -18.11
C ARG A 111 -13.91 -7.43 -18.74
N VAL A 112 -12.98 -7.84 -17.88
CA VAL A 112 -11.79 -8.59 -18.26
C VAL A 112 -11.75 -9.86 -17.41
N MET A 113 -11.77 -11.02 -18.06
CA MET A 113 -11.89 -12.29 -17.37
C MET A 113 -10.64 -13.11 -17.58
N LEU A 114 -10.06 -13.59 -16.49
CA LEU A 114 -9.06 -14.65 -16.59
C LEU A 114 -9.73 -15.90 -17.16
N VAL A 115 -9.13 -16.49 -18.20
CA VAL A 115 -9.72 -17.63 -18.88
C VAL A 115 -8.61 -18.63 -19.22
N LYS A 116 -9.02 -19.86 -19.52
CA LYS A 116 -8.07 -20.92 -19.87
C LYS A 116 -8.52 -21.59 -21.16
N HIS A 117 -7.61 -21.71 -22.10
CA HIS A 117 -7.92 -22.42 -23.34
C HIS A 117 -8.09 -23.89 -23.02
N LYS A 118 -9.24 -24.46 -23.42
CA LYS A 118 -9.60 -25.81 -23.02
C LYS A 118 -8.75 -26.88 -23.69
N GLU A 119 -8.04 -26.56 -24.78
CA GLU A 119 -7.16 -27.52 -25.45
C GLU A 119 -5.71 -27.40 -25.03
N THR A 120 -5.18 -26.19 -25.00
CA THR A 120 -3.78 -25.98 -24.65
C THR A 120 -3.58 -25.67 -23.17
N GLY A 121 -4.66 -25.47 -22.41
CA GLY A 121 -4.52 -25.16 -21.00
C GLY A 121 -3.85 -23.83 -20.70
N ASN A 122 -3.46 -23.09 -21.74
CA ASN A 122 -2.80 -21.80 -21.56
C ASN A 122 -3.79 -20.76 -21.02
N HIS A 123 -3.27 -19.78 -20.31
CA HIS A 123 -4.07 -18.78 -19.64
C HIS A 123 -4.03 -17.45 -20.38
N TYR A 124 -5.16 -16.74 -20.37
CA TYR A 124 -5.34 -15.56 -21.19
C TYR A 124 -6.28 -14.58 -20.49
N ALA A 125 -6.13 -13.30 -20.82
CA ALA A 125 -7.00 -12.24 -20.32
C ALA A 125 -7.99 -11.87 -21.43
N MET A 126 -9.26 -12.08 -21.16
CA MET A 126 -10.30 -11.88 -22.16
C MET A 126 -11.03 -10.59 -21.88
N LYS A 127 -10.94 -9.64 -22.80
CA LYS A 127 -11.68 -8.40 -22.70
C LYS A 127 -13.03 -8.61 -23.38
N ILE A 128 -14.11 -8.52 -22.60
CA ILE A 128 -15.45 -8.76 -23.13
C ILE A 128 -16.14 -7.41 -23.22
N LEU A 129 -16.66 -7.10 -24.40
CA LEU A 129 -17.26 -5.81 -24.70
C LEU A 129 -18.67 -6.04 -25.18
N ASP A 130 -19.64 -5.43 -24.51
CA ASP A 130 -21.05 -5.53 -24.88
C ASP A 130 -21.33 -4.61 -26.06
N LYS A 131 -21.85 -5.17 -27.15
CA LYS A 131 -22.02 -4.36 -28.36
C LYS A 131 -22.95 -3.19 -28.09
N GLN A 132 -24.11 -3.45 -27.48
CA GLN A 132 -25.09 -2.40 -27.23
C GLN A 132 -24.50 -1.27 -26.40
N LYS A 133 -23.79 -1.61 -25.32
CA LYS A 133 -23.11 -0.60 -24.53
C LYS A 133 -22.19 0.26 -25.39
N VAL A 134 -21.30 -0.37 -26.16
CA VAL A 134 -20.35 0.36 -26.98
C VAL A 134 -21.07 1.33 -27.92
N VAL A 135 -22.19 0.89 -28.48
CA VAL A 135 -23.04 1.81 -29.24
C VAL A 135 -23.57 2.93 -28.34
N LYS A 136 -24.13 2.54 -27.18
CA LYS A 136 -24.63 3.53 -26.22
C LYS A 136 -23.55 4.52 -25.80
N LEU A 137 -22.32 4.04 -25.56
CA LEU A 137 -21.23 4.94 -25.17
C LEU A 137 -20.61 5.66 -26.36
N LYS A 138 -21.10 5.41 -27.58
CA LYS A 138 -20.61 6.04 -28.81
C LYS A 138 -19.13 5.72 -29.05
N GLN A 139 -18.67 4.55 -28.62
CA GLN A 139 -17.26 4.17 -28.74
C GLN A 139 -17.03 3.10 -29.79
N ILE A 140 -17.73 3.23 -30.92
CA ILE A 140 -17.64 2.22 -31.98
C ILE A 140 -16.27 2.25 -32.64
N GLU A 141 -15.86 3.42 -33.16
CA GLU A 141 -14.54 3.56 -33.74
C GLU A 141 -13.44 3.20 -32.73
N HIS A 142 -13.59 3.64 -31.50
CA HIS A 142 -12.59 3.35 -30.48
C HIS A 142 -12.38 1.85 -30.33
N THR A 143 -13.46 1.07 -30.46
CA THR A 143 -13.33 -0.38 -30.34
C THR A 143 -12.84 -1.04 -31.63
N LEU A 144 -13.08 -0.43 -32.78
CA LEU A 144 -12.48 -1.04 -33.96
C LEU A 144 -10.99 -0.69 -34.03
N ASN A 145 -10.61 0.54 -33.62
CA ASN A 145 -9.21 0.94 -33.54
C ASN A 145 -8.43 -0.01 -32.65
N GLU A 146 -8.91 -0.20 -31.42
CA GLU A 146 -8.17 -0.99 -30.45
C GLU A 146 -7.84 -2.38 -31.02
N LYS A 147 -8.85 -3.08 -31.56
CA LYS A 147 -8.57 -4.40 -32.12
C LYS A 147 -7.64 -4.30 -33.30
N ARG A 148 -7.88 -3.35 -34.20
CA ARG A 148 -7.04 -3.20 -35.38
C ARG A 148 -5.58 -2.89 -35.01
N ILE A 149 -5.36 -1.97 -34.08
CA ILE A 149 -3.98 -1.61 -33.72
C ILE A 149 -3.30 -2.75 -32.95
N LEU A 150 -4.00 -3.36 -32.00
CA LEU A 150 -3.42 -4.44 -31.20
C LEU A 150 -3.00 -5.62 -32.05
N GLN A 151 -3.77 -5.94 -33.09
CA GLN A 151 -3.40 -7.09 -33.90
C GLN A 151 -2.24 -6.78 -34.84
N ALA A 152 -1.82 -5.53 -34.95
CA ALA A 152 -0.80 -5.15 -35.92
C ALA A 152 0.55 -4.77 -35.30
N VAL A 153 0.59 -4.48 -33.99
CA VAL A 153 1.83 -4.03 -33.36
C VAL A 153 2.58 -5.22 -32.81
N ASN A 154 3.89 -5.05 -32.62
CA ASN A 154 4.73 -6.05 -31.96
C ASN A 154 5.92 -5.35 -31.32
N PHE A 155 6.02 -5.44 -30.01
CA PHE A 155 7.04 -4.70 -29.27
C PHE A 155 7.06 -5.27 -27.85
N PRO A 156 8.24 -5.43 -27.24
CA PRO A 156 8.32 -6.16 -25.96
C PRO A 156 7.44 -5.64 -24.85
N PHE A 157 7.12 -4.34 -24.80
CA PHE A 157 6.38 -3.78 -23.67
C PHE A 157 4.92 -3.50 -24.01
N LEU A 158 4.39 -4.11 -25.07
CA LEU A 158 2.96 -4.10 -25.35
C LEU A 158 2.36 -5.47 -25.02
N VAL A 159 1.14 -5.46 -24.47
CA VAL A 159 0.39 -6.70 -24.41
C VAL A 159 0.24 -7.27 -25.81
N LYS A 160 0.02 -8.58 -25.87
CA LYS A 160 -0.04 -9.33 -27.11
C LYS A 160 -1.45 -9.87 -27.29
N LEU A 161 -2.10 -9.47 -28.38
CA LEU A 161 -3.41 -9.99 -28.71
C LEU A 161 -3.23 -11.32 -29.42
N GLU A 162 -3.89 -12.36 -28.91
CA GLU A 162 -3.77 -13.71 -29.46
C GLU A 162 -4.93 -14.08 -30.36
N PHE A 163 -6.16 -13.80 -29.93
CA PHE A 163 -7.34 -14.07 -30.74
C PHE A 163 -8.37 -12.98 -30.51
N SER A 164 -9.24 -12.82 -31.49
CA SER A 164 -10.39 -11.96 -31.34
C SER A 164 -11.53 -12.58 -32.14
N PHE A 165 -12.75 -12.25 -31.73
CA PHE A 165 -13.96 -12.76 -32.35
C PHE A 165 -15.14 -12.06 -31.68
N LYS A 166 -16.32 -12.31 -32.24
CA LYS A 166 -17.56 -11.71 -31.78
C LYS A 166 -18.68 -12.73 -31.91
N ASP A 167 -19.68 -12.62 -31.04
CA ASP A 167 -20.91 -13.41 -31.17
C ASP A 167 -22.08 -12.47 -31.36
N ASN A 168 -23.30 -12.92 -31.03
CA ASN A 168 -24.47 -12.09 -31.29
C ASN A 168 -24.56 -10.88 -30.37
N SER A 169 -23.80 -10.85 -29.28
CA SER A 169 -24.02 -9.85 -28.25
C SER A 169 -22.74 -9.16 -27.80
N ASN A 170 -21.56 -9.78 -27.97
CA ASN A 170 -20.33 -9.29 -27.39
C ASN A 170 -19.20 -9.28 -28.41
N LEU A 171 -18.21 -8.44 -28.10
CA LEU A 171 -16.91 -8.45 -28.76
C LEU A 171 -15.89 -9.04 -27.80
N TYR A 172 -14.94 -9.82 -28.32
CA TYR A 172 -14.00 -10.53 -27.48
C TYR A 172 -12.57 -10.28 -27.93
N MET A 173 -11.72 -9.88 -26.99
CA MET A 173 -10.31 -9.65 -27.27
C MET A 173 -9.49 -10.47 -26.27
N VAL A 174 -8.78 -11.47 -26.77
CA VAL A 174 -8.08 -12.43 -25.93
C VAL A 174 -6.58 -12.12 -26.00
N MET A 175 -6.03 -11.60 -24.92
CA MET A 175 -4.63 -11.26 -24.83
C MET A 175 -3.92 -12.16 -23.85
N GLU A 176 -2.60 -12.20 -23.96
CA GLU A 176 -1.79 -12.99 -23.04
C GLU A 176 -1.96 -12.48 -21.61
N TYR A 177 -2.00 -13.43 -20.68
CA TYR A 177 -2.20 -13.11 -19.27
C TYR A 177 -0.91 -12.64 -18.65
N VAL A 178 -0.96 -11.50 -17.94
CA VAL A 178 0.21 -10.95 -17.24
C VAL A 178 -0.06 -11.04 -15.74
N PRO A 179 0.55 -11.98 -15.03
CA PRO A 179 0.10 -12.29 -13.66
C PRO A 179 0.46 -11.23 -12.63
N GLY A 180 1.46 -10.39 -12.88
CA GLY A 180 1.88 -9.42 -11.88
C GLY A 180 0.87 -8.31 -11.56
N GLY A 181 -0.17 -8.15 -12.36
CA GLY A 181 -1.13 -7.09 -12.13
C GLY A 181 -0.61 -5.70 -12.49
N GLU A 182 -1.50 -4.71 -12.27
CA GLU A 182 -1.28 -3.32 -12.63
C GLU A 182 -0.21 -2.67 -11.77
N MET A 183 0.56 -1.78 -12.40
CA MET A 183 1.45 -0.91 -11.65
C MET A 183 0.71 -0.09 -10.60
N PHE A 184 -0.54 0.29 -10.89
CA PHE A 184 -1.33 1.05 -9.92
C PHE A 184 -1.31 0.37 -8.55
N SER A 185 -1.66 -0.92 -8.50
CA SER A 185 -1.76 -1.64 -7.23
C SER A 185 -0.45 -1.59 -6.45
N HIS A 186 0.65 -1.93 -7.11
CA HIS A 186 1.92 -1.94 -6.39
C HIS A 186 2.35 -0.53 -6.00
N LEU A 187 1.93 0.48 -6.75
CA LEU A 187 2.39 1.84 -6.44
C LEU A 187 1.66 2.41 -5.24
N ARG A 188 0.36 2.18 -5.19
CA ARG A 188 -0.43 2.66 -4.06
C ARG A 188 0.04 2.01 -2.76
N ARG A 189 0.40 0.72 -2.83
CA ARG A 189 0.81 -0.02 -1.64
C ARG A 189 2.24 0.32 -1.23
N ILE A 190 3.17 0.41 -2.19
CA ILE A 190 4.56 0.72 -1.85
C ILE A 190 4.70 2.18 -1.42
N GLY A 191 3.81 3.05 -1.89
CA GLY A 191 3.96 4.48 -1.69
C GLY A 191 4.50 5.16 -2.93
N ARG A 192 5.83 5.09 -3.08
CA ARG A 192 6.50 5.63 -4.26
C ARG A 192 7.69 4.75 -4.60
N PHE A 193 8.15 4.89 -5.83
CA PHE A 193 9.38 4.24 -6.21
C PHE A 193 10.53 5.22 -5.99
N SEP A 194 11.73 4.67 -5.77
CA SEP A 194 12.94 5.47 -5.74
CB SEP A 194 14.11 4.67 -5.15
OG SEP A 194 15.19 5.54 -4.81
C SEP A 194 13.21 5.90 -7.16
O SEP A 194 12.75 5.24 -8.09
P SEP A 194 15.73 5.43 -3.28
O1P SEP A 194 15.90 3.87 -2.86
O2P SEP A 194 14.70 6.18 -2.26
O3P SEP A 194 17.17 6.16 -3.18
N GLU A 195 13.94 6.99 -7.34
CA GLU A 195 14.26 7.45 -8.68
C GLU A 195 14.84 6.35 -9.61
N PRO A 196 15.74 5.49 -9.13
CA PRO A 196 16.21 4.41 -10.02
C PRO A 196 15.11 3.44 -10.37
N HIS A 197 14.19 3.18 -9.44
CA HIS A 197 13.02 2.35 -9.71
C HIS A 197 12.10 3.02 -10.76
N ALA A 198 11.84 4.31 -10.61
CA ALA A 198 10.99 5.00 -11.58
C ALA A 198 11.67 5.07 -12.94
N ARG A 199 12.97 5.37 -12.95
CA ARG A 199 13.71 5.42 -14.21
C ARG A 199 13.66 4.09 -14.96
N PHE A 200 13.54 2.98 -14.24
CA PHE A 200 13.45 1.69 -14.92
C PHE A 200 12.20 1.60 -15.78
N TYR A 201 11.05 1.96 -15.21
CA TYR A 201 9.80 1.90 -15.94
C TYR A 201 9.76 2.96 -17.03
N ALA A 202 10.17 4.19 -16.67
CA ALA A 202 10.17 5.32 -17.59
C ALA A 202 10.89 4.96 -18.88
N ALA A 203 12.08 4.35 -18.76
CA ALA A 203 12.85 4.01 -19.95
C ALA A 203 12.07 3.05 -20.85
N GLN A 204 11.32 2.13 -20.26
CA GLN A 204 10.51 1.26 -21.08
C GLN A 204 9.42 2.06 -21.81
N ILE A 205 8.72 2.97 -21.10
CA ILE A 205 7.73 3.81 -21.73
C ILE A 205 8.36 4.64 -22.85
N VAL A 206 9.56 5.18 -22.61
CA VAL A 206 10.20 5.99 -23.64
C VAL A 206 10.40 5.18 -24.93
N LEU A 207 10.93 3.96 -24.82
CA LEU A 207 11.16 3.16 -26.03
C LEU A 207 9.84 2.78 -26.70
N THR A 208 8.81 2.49 -25.90
CA THR A 208 7.54 2.10 -26.47
C THR A 208 6.92 3.24 -27.27
N PHE A 209 7.03 4.48 -26.77
CA PHE A 209 6.51 5.61 -27.52
C PHE A 209 7.33 5.86 -28.78
N GLU A 210 8.66 5.69 -28.70
CA GLU A 210 9.47 5.77 -29.91
C GLU A 210 8.91 4.84 -30.99
N TYR A 211 8.58 3.60 -30.60
CA TYR A 211 7.97 2.64 -31.53
C TYR A 211 6.58 3.09 -32.00
N LEU A 212 5.67 3.43 -31.08
CA LEU A 212 4.31 3.81 -31.48
C LEU A 212 4.29 5.05 -32.37
N HIS A 213 5.05 6.08 -32.00
CA HIS A 213 5.02 7.30 -32.79
C HIS A 213 5.60 7.08 -34.19
N SER A 214 6.56 6.17 -34.32
CA SER A 214 7.09 5.87 -35.65
C SER A 214 6.01 5.22 -36.53
N LEU A 215 5.03 4.55 -35.93
CA LEU A 215 3.89 4.06 -36.70
C LEU A 215 2.78 5.10 -36.87
N ASP A 216 3.00 6.35 -36.47
CA ASP A 216 1.97 7.39 -36.47
C ASP A 216 0.84 7.14 -35.46
N LEU A 217 1.13 6.42 -34.38
CA LEU A 217 0.13 6.10 -33.38
C LEU A 217 0.29 7.01 -32.16
N ILE A 218 -0.81 7.66 -31.75
CA ILE A 218 -0.90 8.32 -30.45
C ILE A 218 -1.55 7.36 -29.47
N TYR A 219 -1.03 7.30 -28.23
CA TYR A 219 -1.53 6.29 -27.30
C TYR A 219 -2.68 6.82 -26.46
N ARG A 220 -2.47 7.96 -25.78
CA ARG A 220 -3.55 8.73 -25.16
C ARG A 220 -4.18 8.08 -23.92
N ASP A 221 -3.53 7.16 -23.22
CA ASP A 221 -4.08 6.73 -21.93
C ASP A 221 -2.99 6.23 -21.00
N LEU A 222 -1.80 6.84 -21.04
CA LEU A 222 -0.77 6.52 -20.06
C LEU A 222 -1.25 6.85 -18.66
N LYS A 223 -1.13 5.86 -17.77
CA LYS A 223 -1.43 5.99 -16.34
C LYS A 223 -1.06 4.67 -15.69
N PRO A 224 -0.79 4.64 -14.39
CA PRO A 224 -0.32 3.39 -13.77
C PRO A 224 -1.32 2.25 -13.91
N GLU A 225 -2.60 2.56 -14.08
CA GLU A 225 -3.60 1.50 -14.23
C GLU A 225 -3.37 0.65 -15.48
N ASN A 226 -2.77 1.21 -16.51
CA ASN A 226 -2.70 0.50 -17.78
C ASN A 226 -1.35 -0.14 -18.02
N LEU A 227 -0.52 -0.22 -16.98
CA LEU A 227 0.80 -0.82 -17.08
C LEU A 227 0.84 -2.11 -16.25
N LEU A 228 0.80 -3.25 -16.96
CA LEU A 228 0.93 -4.57 -16.35
C LEU A 228 2.40 -4.90 -16.10
N ILE A 229 2.65 -5.69 -15.03
CA ILE A 229 3.99 -6.13 -14.65
C ILE A 229 4.16 -7.62 -14.95
N ASP A 230 5.09 -7.97 -15.83
CA ASP A 230 5.28 -9.37 -16.17
C ASP A 230 6.23 -10.05 -15.18
N GLN A 231 6.43 -11.37 -15.38
CA GLN A 231 7.13 -12.20 -14.39
C GLN A 231 8.58 -11.74 -14.18
N GLN A 232 9.25 -11.21 -15.22
CA GLN A 232 10.58 -10.66 -15.06
C GLN A 232 10.58 -9.21 -14.58
N GLY A 233 9.43 -8.70 -14.13
CA GLY A 233 9.35 -7.32 -13.68
C GLY A 233 9.34 -6.27 -14.77
N TYR A 234 9.02 -6.63 -16.02
CA TYR A 234 8.98 -5.65 -17.11
C TYR A 234 7.54 -5.26 -17.43
N ILE A 235 7.36 -4.05 -17.98
CA ILE A 235 6.05 -3.44 -18.22
C ILE A 235 5.40 -4.05 -19.45
N GLN A 236 4.06 -4.20 -19.42
CA GLN A 236 3.25 -4.48 -20.60
C GLN A 236 2.12 -3.46 -20.66
N VAL A 237 2.11 -2.64 -21.72
CA VAL A 237 1.08 -1.62 -21.87
C VAL A 237 -0.19 -2.28 -22.39
N THR A 238 -1.30 -2.07 -21.68
CA THR A 238 -2.61 -2.55 -22.06
C THR A 238 -3.53 -1.36 -22.28
N ASP A 239 -4.65 -1.63 -22.95
CA ASP A 239 -5.75 -0.68 -23.16
C ASP A 239 -5.38 0.36 -24.21
N PHE A 240 -5.78 0.06 -25.45
CA PHE A 240 -5.58 0.90 -26.62
C PHE A 240 -6.90 1.47 -27.14
N GLY A 241 -7.91 1.56 -26.26
CA GLY A 241 -9.21 2.10 -26.62
C GLY A 241 -9.18 3.55 -27.09
N PHE A 242 -8.17 4.31 -26.71
CA PHE A 242 -8.05 5.71 -27.09
C PHE A 242 -6.97 5.92 -28.14
N ALA A 243 -6.28 4.86 -28.53
CA ALA A 243 -5.16 5.02 -29.45
C ALA A 243 -5.68 5.27 -30.88
N LYS A 244 -4.98 6.13 -31.59
CA LYS A 244 -5.42 6.55 -32.91
C LYS A 244 -4.20 6.68 -33.81
N ARG A 245 -4.39 6.28 -35.06
CA ARG A 245 -3.38 6.55 -36.06
C ARG A 245 -3.60 7.97 -36.58
N VAL A 246 -2.62 8.85 -36.38
CA VAL A 246 -2.78 10.26 -36.69
C VAL A 246 -1.53 10.75 -37.38
N LYS A 247 -1.65 11.20 -38.62
CA LYS A 247 -0.51 11.81 -39.30
C LYS A 247 -0.30 13.26 -38.85
N GLY A 248 -1.36 14.05 -38.79
CA GLY A 248 -1.25 15.43 -38.36
C GLY A 248 -1.90 15.72 -37.01
N ARG A 249 -2.86 16.64 -36.99
CA ARG A 249 -3.53 17.03 -35.76
C ARG A 249 -4.74 16.12 -35.54
N THR A 250 -5.11 15.94 -34.28
CA THR A 250 -6.41 15.39 -33.92
C THR A 250 -6.99 16.28 -32.82
N TRP A 251 -8.29 16.09 -32.53
CA TRP A 251 -8.99 17.04 -31.62
C TRP A 251 -9.78 16.49 -30.42
N TPO A 252 -10.00 15.18 -30.32
CA TPO A 252 -10.88 14.66 -29.27
CB TPO A 252 -11.10 13.18 -29.47
CG2 TPO A 252 -12.19 12.71 -28.51
OG1 TPO A 252 -11.56 12.97 -30.78
P TPO A 252 -10.52 12.20 -31.74
O1P TPO A 252 -10.49 10.75 -31.49
O2P TPO A 252 -9.05 12.81 -31.64
O3P TPO A 252 -11.11 12.45 -33.20
C TPO A 252 -10.40 14.92 -27.82
O TPO A 252 -9.22 14.78 -27.53
N LEU A 253 -11.34 15.29 -26.94
CA LEU A 253 -11.08 15.32 -25.48
C LEU A 253 -11.25 13.92 -24.92
N CYS A 254 -10.17 13.18 -24.76
CA CYS A 254 -10.30 11.82 -24.23
C CYS A 254 -9.08 11.48 -23.39
N GLY A 255 -9.26 10.51 -22.49
CA GLY A 255 -8.19 10.12 -21.61
C GLY A 255 -8.57 10.29 -20.16
N THR A 256 -7.57 10.38 -19.30
CA THR A 256 -7.81 10.50 -17.89
C THR A 256 -7.43 11.90 -17.44
N PRO A 257 -8.29 12.61 -16.72
CA PRO A 257 -8.01 14.04 -16.43
C PRO A 257 -6.61 14.33 -15.90
N GLU A 258 -6.15 13.56 -14.90
CA GLU A 258 -4.84 13.78 -14.29
C GLU A 258 -3.71 13.81 -15.33
N TYR A 259 -3.82 13.03 -16.39
CA TYR A 259 -2.73 12.85 -17.34
C TYR A 259 -2.86 13.71 -18.61
N LEU A 260 -3.84 14.64 -18.69
CA LEU A 260 -4.14 15.30 -19.97
C LEU A 260 -3.25 16.51 -20.22
N ALA A 261 -2.60 16.54 -21.38
CA ALA A 261 -1.87 17.74 -21.75
C ALA A 261 -2.81 18.95 -21.93
N PRO A 262 -2.28 20.16 -21.77
CA PRO A 262 -3.15 21.34 -21.91
C PRO A 262 -3.90 21.39 -23.22
N GLU A 263 -3.22 21.08 -24.32
CA GLU A 263 -3.83 21.25 -25.64
C GLU A 263 -4.88 20.18 -25.93
N ILE A 264 -4.94 19.10 -25.15
CA ILE A 264 -6.12 18.22 -25.22
C ILE A 264 -7.33 18.91 -24.59
N ILE A 265 -7.13 19.57 -23.44
CA ILE A 265 -8.24 20.23 -22.75
C ILE A 265 -8.70 21.44 -23.55
N LEU A 266 -7.78 22.29 -23.96
CA LEU A 266 -8.10 23.41 -24.83
C LEU A 266 -8.67 22.92 -26.16
N SER A 267 -9.51 23.74 -26.76
CA SER A 267 -10.21 23.33 -27.97
C SER A 267 -9.30 23.15 -29.19
N LYS A 268 -8.13 23.81 -29.23
CA LYS A 268 -7.21 23.65 -30.34
C LYS A 268 -6.76 22.20 -30.47
N GLY A 269 -6.19 21.88 -31.65
CA GLY A 269 -5.77 20.53 -31.94
C GLY A 269 -4.40 20.19 -31.37
N TYR A 270 -4.07 18.92 -31.42
CA TYR A 270 -2.87 18.45 -30.75
C TYR A 270 -2.28 17.28 -31.52
N ASN A 271 -1.05 16.92 -31.17
CA ASN A 271 -0.37 15.80 -31.83
C ASN A 271 0.24 14.88 -30.77
N LYS A 272 1.18 14.04 -31.20
CA LYS A 272 1.69 12.99 -30.36
C LYS A 272 2.53 13.53 -29.21
N ALA A 273 2.82 14.84 -29.20
CA ALA A 273 3.46 15.45 -28.04
C ALA A 273 2.67 15.27 -26.75
N VAL A 274 1.38 14.96 -26.83
CA VAL A 274 0.63 14.77 -25.60
C VAL A 274 1.12 13.54 -24.85
N ASP A 275 1.62 12.53 -25.58
CA ASP A 275 2.15 11.33 -24.93
C ASP A 275 3.38 11.66 -24.09
N TRP A 276 4.19 12.64 -24.51
CA TRP A 276 5.35 13.02 -23.73
C TRP A 276 4.96 13.83 -22.50
N TRP A 277 3.93 14.69 -22.63
CA TRP A 277 3.40 15.32 -21.43
C TRP A 277 2.93 14.27 -20.44
N ALA A 278 2.21 13.26 -20.93
CA ALA A 278 1.71 12.23 -20.03
C ALA A 278 2.88 11.46 -19.38
N LEU A 279 3.96 11.23 -20.14
CA LEU A 279 5.15 10.61 -19.55
C LEU A 279 5.67 11.44 -18.36
N GLY A 280 5.65 12.77 -18.47
CA GLY A 280 6.03 13.59 -17.33
C GLY A 280 5.14 13.31 -16.12
N VAL A 281 3.82 13.29 -16.34
CA VAL A 281 2.89 13.01 -15.26
C VAL A 281 3.20 11.64 -14.65
N LEU A 282 3.47 10.64 -15.50
CA LEU A 282 3.75 9.30 -14.99
C LEU A 282 5.04 9.25 -14.17
N ILE A 283 6.08 9.96 -14.60
CA ILE A 283 7.32 9.92 -13.82
C ILE A 283 7.12 10.61 -12.48
N TYR A 284 6.44 11.76 -12.50
CA TYR A 284 6.08 12.46 -11.29
C TYR A 284 5.31 11.54 -10.33
N GLU A 285 4.17 11.02 -10.76
CA GLU A 285 3.38 10.19 -9.88
C GLU A 285 4.23 9.06 -9.32
N MET A 286 5.01 8.42 -10.20
CA MET A 286 5.75 7.23 -9.81
C MET A 286 6.75 7.55 -8.70
N ALA A 287 7.41 8.70 -8.80
CA ALA A 287 8.44 9.06 -7.85
C ALA A 287 7.91 9.84 -6.64
N ALA A 288 6.79 10.56 -6.78
CA ALA A 288 6.21 11.29 -5.66
C ALA A 288 5.21 10.47 -4.86
N GLY A 289 4.62 9.43 -5.46
CA GLY A 289 3.50 8.74 -4.89
C GLY A 289 2.14 9.37 -5.14
N TYR A 290 2.08 10.52 -5.82
CA TYR A 290 0.82 11.15 -6.19
C TYR A 290 1.02 11.94 -7.46
N PRO A 291 -0.05 12.22 -8.22
CA PRO A 291 0.10 12.95 -9.48
C PRO A 291 0.36 14.42 -9.24
N PRO A 292 0.97 15.11 -10.20
CA PRO A 292 1.21 16.55 -10.03
C PRO A 292 -0.04 17.41 -10.05
N PHE A 293 -1.20 16.91 -10.45
CA PHE A 293 -2.41 17.74 -10.59
C PHE A 293 -3.61 16.93 -10.09
N PHE A 294 -3.96 17.10 -8.82
CA PHE A 294 -5.14 16.44 -8.30
C PHE A 294 -6.05 17.45 -7.61
N ALA A 295 -7.34 17.13 -7.63
CA ALA A 295 -8.46 17.98 -7.29
C ALA A 295 -9.72 17.19 -7.55
N ASP A 296 -10.79 17.62 -6.92
CA ASP A 296 -12.02 16.82 -6.88
C ASP A 296 -12.92 17.05 -8.09
N GLN A 297 -12.88 18.20 -8.67
CA GLN A 297 -13.58 18.34 -9.93
C GLN A 297 -12.58 18.30 -11.08
N PRO A 298 -12.90 17.67 -12.19
CA PRO A 298 -11.97 17.68 -13.32
C PRO A 298 -11.64 19.08 -13.83
N ILE A 299 -12.60 20.01 -13.80
CA ILE A 299 -12.27 21.38 -14.22
C ILE A 299 -11.23 22.00 -13.30
N GLN A 300 -11.24 21.62 -12.02
CA GLN A 300 -10.16 22.06 -11.14
C GLN A 300 -8.82 21.44 -11.53
N ILE A 301 -8.83 20.16 -11.90
CA ILE A 301 -7.60 19.57 -12.41
C ILE A 301 -7.16 20.31 -13.66
N TYR A 302 -8.13 20.63 -14.54
CA TYR A 302 -7.81 21.31 -15.80
C TYR A 302 -7.17 22.66 -15.56
N GLU A 303 -7.68 23.41 -14.58
CA GLU A 303 -7.08 24.70 -14.23
C GLU A 303 -5.62 24.53 -13.81
N LYS A 304 -5.35 23.55 -12.94
CA LYS A 304 -3.97 23.37 -12.51
C LYS A 304 -3.07 22.94 -13.68
N ILE A 305 -3.63 22.17 -14.61
CA ILE A 305 -2.85 21.65 -15.73
C ILE A 305 -2.35 22.80 -16.61
N VAL A 306 -3.25 23.65 -17.10
CA VAL A 306 -2.83 24.75 -17.96
C VAL A 306 -2.22 25.90 -17.18
N SER A 307 -2.21 25.81 -15.86
CA SER A 307 -1.74 26.92 -15.03
C SER A 307 -0.25 27.16 -15.24
N GLY A 308 0.50 26.12 -15.61
CA GLY A 308 1.92 26.23 -15.82
C GLY A 308 2.79 26.14 -14.57
N LYS A 309 2.22 25.80 -13.41
CA LYS A 309 2.99 25.69 -12.18
C LYS A 309 2.96 24.26 -11.63
N VAL A 310 4.12 23.78 -11.21
CA VAL A 310 4.31 22.42 -10.70
C VAL A 310 5.17 22.49 -9.44
N ARG A 311 4.74 21.84 -8.37
CA ARG A 311 5.54 21.76 -7.16
C ARG A 311 6.17 20.38 -7.06
N PHE A 312 7.49 20.34 -6.78
CA PHE A 312 8.12 19.02 -6.65
C PHE A 312 8.43 18.71 -5.19
N PRO A 313 8.29 17.45 -4.76
CA PRO A 313 8.72 17.07 -3.42
C PRO A 313 10.21 17.33 -3.24
N SER A 314 10.61 17.62 -2.00
CA SER A 314 12.01 17.94 -1.76
C SER A 314 12.95 16.75 -1.97
N HIS A 315 12.46 15.51 -1.94
CA HIS A 315 13.36 14.42 -2.31
C HIS A 315 13.58 14.31 -3.82
N PHE A 316 13.00 15.20 -4.63
CA PHE A 316 13.23 15.13 -6.07
C PHE A 316 14.63 15.64 -6.40
N SER A 317 15.45 14.79 -7.00
CA SER A 317 16.75 15.18 -7.50
C SER A 317 16.61 16.28 -8.56
N SER A 318 17.69 17.05 -8.73
CA SER A 318 17.60 18.24 -9.57
C SER A 318 17.58 17.87 -11.05
N ASP A 319 18.33 16.84 -11.47
CA ASP A 319 18.17 16.30 -12.80
C ASP A 319 16.72 15.90 -13.08
N LEU A 320 16.08 15.25 -12.11
CA LEU A 320 14.69 14.84 -12.27
C LEU A 320 13.76 16.04 -12.46
N LYS A 321 13.91 17.08 -11.61
CA LYS A 321 13.10 18.27 -11.77
C LYS A 321 13.36 18.93 -13.12
N ASP A 322 14.60 18.88 -13.61
CA ASP A 322 14.88 19.47 -14.90
C ASP A 322 14.25 18.66 -16.04
N LEU A 323 14.25 17.33 -15.92
CA LEU A 323 13.55 16.54 -16.92
C LEU A 323 12.05 16.84 -16.87
N LEU A 324 11.50 16.95 -15.67
CA LEU A 324 10.08 17.17 -15.49
C LEU A 324 9.66 18.56 -15.97
N ARG A 325 10.50 19.57 -15.74
CA ARG A 325 10.19 20.91 -16.25
C ARG A 325 10.11 20.93 -17.77
N ASN A 326 10.88 20.09 -18.45
CA ASN A 326 10.88 20.04 -19.90
C ASN A 326 9.80 19.12 -20.50
N LEU A 327 9.26 18.17 -19.73
CA LEU A 327 8.16 17.37 -20.21
C LEU A 327 6.81 17.99 -19.85
N LEU A 328 6.68 18.54 -18.63
CA LEU A 328 5.45 19.22 -18.22
C LEU A 328 5.51 20.69 -18.66
N GLN A 329 5.69 20.86 -19.94
CA GLN A 329 5.93 22.14 -20.58
C GLN A 329 4.67 22.51 -21.35
N VAL A 330 3.95 23.54 -20.87
CA VAL A 330 2.65 23.87 -21.45
C VAL A 330 2.79 24.32 -22.90
N ASP A 331 3.92 24.93 -23.24
CA ASP A 331 4.19 25.45 -24.58
C ASP A 331 4.78 24.31 -25.43
N LEU A 332 3.95 23.74 -26.30
CA LEU A 332 4.41 22.56 -27.03
C LEU A 332 5.56 22.84 -27.98
N THR A 333 5.86 24.09 -28.31
CA THR A 333 7.05 24.37 -29.10
C THR A 333 8.32 24.36 -28.27
N LYS A 334 8.21 23.97 -27.01
CA LYS A 334 9.33 23.92 -26.09
C LYS A 334 9.38 22.63 -25.31
N ARG A 335 8.45 21.69 -25.56
CA ARG A 335 8.31 20.48 -24.75
C ARG A 335 9.22 19.40 -25.29
N PHE A 336 9.99 18.77 -24.39
CA PHE A 336 10.86 17.66 -24.78
C PHE A 336 10.07 16.58 -25.49
N GLY A 337 10.73 15.90 -26.42
CA GLY A 337 10.08 15.02 -27.35
C GLY A 337 9.47 15.68 -28.55
N ASN A 338 9.24 17.00 -28.52
CA ASN A 338 8.57 17.67 -29.63
C ASN A 338 9.45 18.67 -30.35
N LEU A 339 10.76 18.56 -30.23
CA LEU A 339 11.70 19.51 -30.79
C LEU A 339 12.43 18.91 -31.99
N LYS A 340 13.39 19.67 -32.52
CA LYS A 340 14.24 19.22 -33.60
C LYS A 340 14.72 17.78 -33.39
N ASN A 341 15.30 17.48 -32.24
CA ASN A 341 15.90 16.17 -32.02
C ASN A 341 14.92 15.14 -31.45
N GLY A 342 13.65 15.49 -31.26
CA GLY A 342 12.64 14.51 -30.91
C GLY A 342 12.95 13.72 -29.65
N VAL A 343 12.77 12.41 -29.74
CA VAL A 343 12.90 11.54 -28.56
C VAL A 343 14.32 11.55 -27.98
N ASN A 344 15.34 11.85 -28.82
CA ASN A 344 16.72 11.82 -28.34
C ASN A 344 17.00 12.89 -27.28
N ASP A 345 16.29 14.04 -27.33
CA ASP A 345 16.36 14.99 -26.21
C ASP A 345 16.02 14.34 -24.88
N ILE A 346 15.10 13.37 -24.86
CA ILE A 346 14.79 12.69 -23.60
C ILE A 346 15.81 11.59 -23.33
N LYS A 347 16.18 10.80 -24.33
CA LYS A 347 17.17 9.75 -24.11
C LYS A 347 18.55 10.31 -23.69
N ASN A 348 18.95 11.47 -24.22
CA ASN A 348 20.22 12.10 -23.89
C ASN A 348 20.16 12.96 -22.63
N HIS A 349 19.06 12.93 -21.88
CA HIS A 349 18.97 13.79 -20.72
C HIS A 349 19.76 13.24 -19.53
N LYS A 350 20.30 14.16 -18.72
CA LYS A 350 21.13 13.79 -17.58
C LYS A 350 20.46 12.74 -16.70
N TRP A 351 19.16 12.89 -16.42
CA TRP A 351 18.49 11.92 -15.55
C TRP A 351 18.59 10.49 -16.08
N PHE A 352 18.80 10.31 -17.38
CA PHE A 352 18.87 8.98 -17.97
C PHE A 352 20.30 8.52 -18.22
N ALA A 353 21.30 9.24 -17.70
CA ALA A 353 22.69 9.00 -18.09
C ALA A 353 23.15 7.58 -17.77
N THR A 354 22.57 6.95 -16.76
CA THR A 354 22.89 5.58 -16.38
C THR A 354 22.11 4.54 -17.17
N THR A 355 21.28 4.93 -18.12
CA THR A 355 20.36 4.01 -18.78
C THR A 355 21.05 3.36 -19.96
N ASP A 356 21.05 2.04 -19.99
CA ASP A 356 21.53 1.27 -21.15
C ASP A 356 20.31 0.93 -21.97
N TRP A 357 20.01 1.78 -22.97
CA TRP A 357 18.79 1.65 -23.74
C TRP A 357 18.70 0.30 -24.45
N ILE A 358 19.82 -0.18 -25.02
CA ILE A 358 19.80 -1.48 -25.68
C ILE A 358 19.52 -2.61 -24.69
N ALA A 359 20.17 -2.57 -23.52
CA ALA A 359 19.92 -3.61 -22.52
C ALA A 359 18.46 -3.60 -22.08
N ILE A 360 17.87 -2.40 -21.88
CA ILE A 360 16.44 -2.31 -21.54
C ILE A 360 15.58 -3.01 -22.60
N TYR A 361 15.80 -2.67 -23.88
CA TYR A 361 15.02 -3.29 -24.94
C TYR A 361 15.23 -4.79 -24.97
N GLN A 362 16.47 -5.26 -24.77
CA GLN A 362 16.74 -6.70 -24.73
C GLN A 362 16.25 -7.35 -23.45
N ARG A 363 15.81 -6.56 -22.46
CA ARG A 363 15.37 -7.05 -21.15
C ARG A 363 16.48 -7.77 -20.42
N LYS A 364 17.67 -7.19 -20.43
CA LYS A 364 18.83 -7.76 -19.76
C LYS A 364 19.11 -7.08 -18.43
N VAL A 365 18.48 -5.93 -18.16
CA VAL A 365 18.68 -5.21 -16.91
C VAL A 365 17.91 -5.92 -15.80
N GLU A 366 18.55 -6.09 -14.64
CA GLU A 366 17.86 -6.70 -13.51
C GLU A 366 16.74 -5.79 -13.01
N ALA A 367 15.53 -6.35 -12.90
CA ALA A 367 14.34 -5.60 -12.51
C ALA A 367 14.37 -5.29 -11.00
N PRO A 368 13.96 -4.10 -10.59
CA PRO A 368 13.94 -3.75 -9.16
C PRO A 368 12.76 -4.34 -8.41
N PHE A 369 11.84 -5.03 -9.07
CA PHE A 369 10.72 -5.64 -8.35
C PHE A 369 10.09 -6.72 -9.23
N ILE A 370 10.05 -7.94 -8.73
CA ILE A 370 9.49 -9.08 -9.46
C ILE A 370 8.30 -9.59 -8.66
N PRO A 371 7.07 -9.43 -9.14
CA PRO A 371 5.91 -9.65 -8.28
C PRO A 371 5.83 -11.10 -7.81
N LYS A 372 5.03 -11.31 -6.75
CA LYS A 372 4.95 -12.60 -6.05
C LYS A 372 4.33 -13.66 -6.95
N PHE A 373 5.16 -14.53 -7.55
CA PHE A 373 4.66 -15.56 -8.46
C PHE A 373 4.27 -16.80 -7.66
N LYS A 374 2.97 -17.13 -7.68
CA LYS A 374 2.43 -18.24 -6.93
C LYS A 374 1.67 -19.23 -7.80
N GLY A 375 1.89 -19.19 -9.12
CA GLY A 375 1.29 -20.15 -10.03
C GLY A 375 0.99 -19.54 -11.40
N PRO A 376 0.90 -20.39 -12.43
CA PRO A 376 0.59 -19.89 -13.79
C PRO A 376 -0.82 -19.34 -13.95
N GLY A 377 -1.67 -19.44 -12.92
CA GLY A 377 -3.00 -18.87 -12.97
C GLY A 377 -3.42 -18.25 -11.66
N ASP A 378 -2.46 -17.72 -10.90
CA ASP A 378 -2.78 -17.08 -9.64
C ASP A 378 -3.17 -15.62 -9.86
N THR A 379 -4.05 -15.11 -8.98
CA THR A 379 -4.68 -13.79 -9.14
C THR A 379 -4.46 -12.90 -7.93
N SER A 380 -3.46 -13.21 -7.10
CA SER A 380 -3.25 -12.44 -5.87
C SER A 380 -2.90 -10.99 -6.17
N ASN A 381 -2.18 -10.75 -7.25
CA ASN A 381 -1.76 -9.41 -7.61
C ASN A 381 -2.89 -8.58 -8.23
N PHE A 382 -4.10 -9.11 -8.31
CA PHE A 382 -5.27 -8.39 -8.81
C PHE A 382 -6.32 -8.25 -7.73
N ASP A 383 -7.04 -7.14 -7.76
CA ASP A 383 -8.16 -6.95 -6.84
C ASP A 383 -9.29 -7.91 -7.17
N ASP A 384 -10.31 -7.87 -6.33
CA ASP A 384 -11.43 -8.80 -6.39
C ASP A 384 -12.67 -8.08 -6.88
N TYR A 385 -13.33 -8.63 -7.89
CA TYR A 385 -14.50 -8.01 -8.52
C TYR A 385 -15.65 -9.00 -8.50
N GLU A 386 -16.86 -8.46 -8.38
CA GLU A 386 -18.06 -9.28 -8.40
C GLU A 386 -18.22 -9.97 -9.74
N GLU A 387 -18.21 -11.30 -9.72
CA GLU A 387 -18.46 -12.03 -10.95
C GLU A 387 -19.87 -11.75 -11.44
N GLU A 388 -20.11 -12.11 -12.69
CA GLU A 388 -21.43 -12.01 -13.29
C GLU A 388 -21.43 -12.89 -14.52
N GLU A 389 -22.58 -13.46 -14.83
CA GLU A 389 -22.56 -14.48 -15.87
C GLU A 389 -22.58 -13.83 -17.24
N ILE A 390 -22.21 -14.61 -18.25
CA ILE A 390 -21.95 -14.10 -19.59
C ILE A 390 -23.13 -14.44 -20.48
N ARG A 391 -23.90 -13.44 -20.88
CA ARG A 391 -25.09 -13.65 -21.68
C ARG A 391 -24.82 -13.43 -23.17
N VAL A 392 -25.47 -14.24 -24.01
CA VAL A 392 -25.35 -14.11 -25.46
C VAL A 392 -26.72 -14.28 -26.12
N SEP A 393 -27.23 -13.21 -26.74
CA SEP A 393 -28.56 -13.24 -27.34
CB SEP A 393 -28.89 -11.90 -28.03
OG SEP A 393 -29.57 -11.00 -27.16
C SEP A 393 -28.76 -14.33 -28.37
O SEP A 393 -27.80 -14.94 -28.86
P SEP A 393 -31.06 -11.37 -26.70
O1P SEP A 393 -31.51 -12.91 -26.96
O2P SEP A 393 -32.10 -10.39 -27.46
O3P SEP A 393 -31.14 -11.08 -25.11
N ILE A 394 -30.01 -14.55 -28.73
CA ILE A 394 -30.37 -15.53 -29.73
C ILE A 394 -30.35 -14.82 -31.07
N ASN A 395 -30.46 -13.49 -31.05
CA ASN A 395 -30.51 -12.67 -32.25
C ASN A 395 -29.36 -11.69 -32.27
N GLU A 396 -28.72 -11.55 -33.44
CA GLU A 396 -27.49 -10.79 -33.56
C GLU A 396 -27.74 -9.30 -33.33
N LYS A 397 -27.03 -8.72 -32.36
CA LYS A 397 -27.11 -7.30 -32.07
C LYS A 397 -26.04 -6.53 -32.84
N CYS A 398 -26.44 -5.39 -33.41
CA CYS A 398 -25.53 -4.44 -34.06
C CYS A 398 -24.62 -5.14 -35.07
N GLY A 399 -25.24 -5.80 -36.05
CA GLY A 399 -24.45 -6.47 -37.07
C GLY A 399 -23.63 -5.52 -37.92
N LYS A 400 -24.25 -4.43 -38.36
CA LYS A 400 -23.58 -3.54 -39.30
C LYS A 400 -22.40 -2.81 -38.65
N GLU A 401 -22.58 -2.38 -37.40
CA GLU A 401 -21.62 -1.47 -36.78
C GLU A 401 -20.29 -2.12 -36.48
N PHE A 402 -20.27 -3.46 -36.32
CA PHE A 402 -19.05 -4.20 -36.03
C PHE A 402 -18.76 -5.27 -37.09
N SER A 403 -19.28 -5.14 -38.30
CA SER A 403 -18.96 -6.14 -39.32
C SER A 403 -17.46 -6.17 -39.59
N GLU A 404 -16.79 -5.04 -39.38
CA GLU A 404 -15.33 -4.96 -39.53
C GLU A 404 -14.61 -5.78 -38.47
N PHE A 405 -15.13 -5.85 -37.26
CA PHE A 405 -14.39 -6.49 -36.16
C PHE A 405 -14.10 -7.94 -36.51
N THR B 1 2.62 16.84 4.22
CA THR B 1 3.14 16.92 2.85
C THR B 1 1.98 16.88 1.83
N THR B 2 2.27 17.08 0.54
CA THR B 2 1.24 16.80 -0.45
C THR B 2 0.87 15.31 -0.47
N TYR B 3 1.81 14.42 -0.12
CA TYR B 3 1.43 13.01 -0.05
C TYR B 3 0.41 12.76 1.06
N ALA B 4 0.46 13.53 2.16
CA ALA B 4 -0.61 13.40 3.14
C ALA B 4 -1.92 13.98 2.62
N ASP B 5 -1.87 15.12 1.92
CA ASP B 5 -3.11 15.64 1.34
C ASP B 5 -3.67 14.70 0.30
N PHE B 6 -2.84 13.84 -0.26
CA PHE B 6 -3.31 12.91 -1.28
C PHE B 6 -4.18 11.82 -0.67
N ILE B 7 -3.62 11.07 0.30
CA ILE B 7 -4.38 10.01 0.97
C ILE B 7 -5.51 10.58 1.83
N ALA B 8 -5.49 11.88 2.10
CA ALA B 8 -6.61 12.54 2.76
C ALA B 8 -7.76 12.83 1.81
N SER B 9 -7.56 12.61 0.52
CA SER B 9 -8.59 12.80 -0.48
C SER B 9 -9.23 11.45 -0.82
N GLY B 10 -9.85 11.37 -1.99
CA GLY B 10 -10.47 10.14 -2.45
C GLY B 10 -10.05 9.76 -3.84
N ARG B 11 -9.31 10.66 -4.53
CA ARG B 11 -8.75 10.35 -5.85
C ARG B 11 -7.60 9.34 -5.74
N THR B 12 -7.54 8.62 -4.61
CA THR B 12 -6.54 7.58 -4.39
C THR B 12 -6.85 6.29 -5.12
N GLY B 13 -8.10 6.06 -5.50
CA GLY B 13 -8.48 4.86 -6.21
C GLY B 13 -8.21 4.95 -7.70
N ARG B 14 -8.55 3.85 -8.39
CA ARG B 14 -8.33 3.76 -9.83
C ARG B 14 -9.05 4.89 -10.54
N ARG B 15 -8.37 5.52 -11.50
CA ARG B 15 -8.88 6.69 -12.21
C ARG B 15 -9.68 6.24 -13.44
N ASN B 16 -10.92 6.64 -13.54
CA ASN B 16 -11.67 6.32 -14.74
C ASN B 16 -11.47 7.39 -15.80
N ALA B 17 -11.51 6.98 -17.05
CA ALA B 17 -11.25 7.90 -18.14
C ALA B 17 -12.50 8.69 -18.50
N ILE B 18 -12.31 9.72 -19.30
CA ILE B 18 -13.41 10.44 -19.92
C ILE B 18 -13.25 10.34 -21.43
N HIS B 19 -14.34 10.02 -22.11
CA HIS B 19 -14.34 9.61 -23.50
C HIS B 19 -14.76 10.72 -24.44
N ASP B 20 -15.39 11.77 -23.90
CA ASP B 20 -15.96 12.89 -24.67
C ASP B 20 -15.26 13.24 -25.99
N ASP C 3 -8.09 16.86 30.60
CA ASP C 3 -9.03 17.23 31.65
C ASP C 3 -8.39 18.23 32.64
N TYR C 4 -9.04 18.45 33.78
CA TYR C 4 -8.72 19.55 34.69
C TYR C 4 -7.45 19.28 35.50
N TYR C 5 -7.35 18.07 36.08
CA TYR C 5 -6.11 17.69 36.76
C TYR C 5 -4.93 17.75 35.80
N GLN C 6 -5.06 17.11 34.63
CA GLN C 6 -3.99 17.11 33.65
C GLN C 6 -3.60 18.51 33.24
N THR C 7 -4.60 19.36 32.94
CA THR C 7 -4.33 20.72 32.47
C THR C 7 -3.36 21.45 33.39
N LEU C 8 -3.36 21.13 34.69
CA LEU C 8 -2.48 21.77 35.65
C LEU C 8 -1.35 20.86 36.11
N GLY C 9 -1.20 19.68 35.53
CA GLY C 9 -0.07 18.82 35.85
C GLY C 9 -0.19 18.14 37.21
N LEU C 10 -1.39 17.74 37.59
CA LEU C 10 -1.63 17.17 38.90
C LEU C 10 -2.35 15.84 38.74
N ALA C 11 -2.63 15.19 39.86
CA ALA C 11 -3.34 13.92 39.85
C ALA C 11 -4.52 14.01 40.83
N ARG C 12 -5.51 13.12 40.61
CA ARG C 12 -6.80 13.16 41.29
C ARG C 12 -6.69 13.51 42.77
N GLY C 13 -5.64 13.03 43.43
CA GLY C 13 -5.57 13.20 44.87
C GLY C 13 -5.10 14.55 45.39
N ALA C 14 -4.63 15.45 44.50
CA ALA C 14 -3.93 16.66 44.92
C ALA C 14 -4.69 17.45 45.99
N SER C 15 -3.95 18.21 46.78
CA SER C 15 -4.53 19.07 47.81
C SER C 15 -4.87 20.43 47.23
N ASP C 16 -5.61 21.22 48.02
CA ASP C 16 -6.03 22.54 47.55
C ASP C 16 -4.84 23.43 47.23
N GLU C 17 -3.78 23.31 48.03
CA GLU C 17 -2.63 24.21 47.91
C GLU C 17 -1.77 23.87 46.69
N GLU C 18 -1.61 22.59 46.38
CA GLU C 18 -0.99 22.19 45.13
C GLU C 18 -1.68 22.85 43.93
N ILE C 19 -2.99 23.05 44.04
CA ILE C 19 -3.79 23.49 42.90
C ILE C 19 -3.68 25.00 42.69
N LYS C 20 -3.61 25.78 43.77
CA LYS C 20 -3.30 27.21 43.57
C LYS C 20 -1.86 27.37 43.09
N ARG C 21 -0.96 26.53 43.62
CA ARG C 21 0.44 26.56 43.19
C ARG C 21 0.55 26.26 41.70
N ALA C 22 0.00 25.10 41.28
CA ALA C 22 -0.01 24.75 39.86
C ALA C 22 -0.74 25.78 39.02
N TYR C 23 -1.78 26.42 39.55
CA TYR C 23 -2.48 27.42 38.76
C TYR C 23 -1.58 28.61 38.48
N ARG C 24 -0.92 29.12 39.52
CA ARG C 24 -0.07 30.29 39.33
C ARG C 24 1.05 30.00 38.35
N ARG C 25 1.63 28.81 38.42
CA ARG C 25 2.73 28.46 37.52
C ARG C 25 2.26 28.30 36.07
N GLN C 26 1.07 27.72 35.85
CA GLN C 26 0.60 27.52 34.48
C GLN C 26 0.18 28.84 33.82
N ALA C 27 -0.53 29.71 34.56
CA ALA C 27 -1.02 30.94 33.97
C ALA C 27 0.12 31.84 33.50
N LEU C 28 1.24 31.85 34.24
CA LEU C 28 2.38 32.64 33.80
C LEU C 28 2.96 32.13 32.49
N ARG C 29 2.89 30.82 32.26
CA ARG C 29 3.47 30.22 31.06
C ARG C 29 2.71 30.58 29.80
N TYR C 30 1.49 31.14 29.92
CA TYR C 30 0.69 31.43 28.74
C TYR C 30 -0.03 32.77 28.83
N HIS C 31 0.42 33.65 29.73
CA HIS C 31 -0.12 35.02 29.83
C HIS C 31 -0.04 35.70 28.46
N PRO C 32 -1.09 36.42 28.03
CA PRO C 32 -1.01 37.09 26.72
C PRO C 32 0.08 38.14 26.65
N ASP C 33 0.32 38.85 27.75
CA ASP C 33 1.37 39.86 27.88
C ASP C 33 2.76 39.23 28.15
N LYS C 34 2.90 37.92 27.95
CA LYS C 34 4.15 37.24 28.23
C LYS C 34 4.41 36.17 27.19
N ASN C 35 3.42 35.92 26.32
CA ASN C 35 3.54 34.89 25.29
C ASN C 35 3.33 35.47 23.89
N LYS C 36 2.14 35.99 23.60
CA LYS C 36 1.77 36.52 22.28
C LYS C 36 1.89 35.48 21.17
N GLU C 37 2.40 34.27 21.48
CA GLU C 37 2.59 33.23 20.47
C GLU C 37 1.28 32.48 20.26
N PRO C 38 0.87 32.23 19.01
CA PRO C 38 -0.45 31.66 18.76
C PRO C 38 -0.67 30.30 19.42
N GLY C 39 -1.92 30.05 19.81
CA GLY C 39 -2.28 28.87 20.56
C GLY C 39 -2.24 29.05 22.06
N ALA C 40 -1.68 30.16 22.55
CA ALA C 40 -1.62 30.47 23.98
C ALA C 40 -2.80 31.31 24.47
N GLU C 41 -3.63 31.82 23.56
CA GLU C 41 -4.89 32.43 23.97
C GLU C 41 -5.88 31.37 24.45
N GLU C 42 -5.96 30.24 23.73
CA GLU C 42 -6.76 29.12 24.20
C GLU C 42 -6.19 28.56 25.50
N LYS C 43 -4.89 28.26 25.52
CA LYS C 43 -4.27 27.61 26.68
C LYS C 43 -4.48 28.44 27.94
N PHE C 44 -4.43 29.76 27.83
CA PHE C 44 -4.72 30.59 29.00
C PHE C 44 -6.16 30.43 29.45
N LYS C 45 -7.09 30.15 28.53
CA LYS C 45 -8.49 29.95 28.91
C LYS C 45 -8.68 28.66 29.70
N GLU C 46 -8.28 27.52 29.12
CA GLU C 46 -8.55 26.23 29.75
C GLU C 46 -7.94 26.12 31.14
N ILE C 47 -6.84 26.83 31.39
CA ILE C 47 -6.21 26.77 32.70
C ILE C 47 -7.03 27.53 33.74
N ALA C 48 -7.66 28.64 33.34
CA ALA C 48 -8.59 29.33 34.24
C ALA C 48 -9.79 28.45 34.58
N GLU C 49 -10.34 27.72 33.60
CA GLU C 49 -11.44 26.82 33.86
C GLU C 49 -11.04 25.74 34.87
N ALA C 50 -9.94 25.03 34.60
CA ALA C 50 -9.51 23.94 35.48
C ALA C 50 -9.34 24.40 36.92
N TYR C 51 -8.73 25.57 37.13
CA TYR C 51 -8.63 26.09 38.50
C TYR C 51 -10.01 26.37 39.09
N ASP C 52 -10.90 26.97 38.30
CA ASP C 52 -12.24 27.26 38.81
C ASP C 52 -12.91 25.98 39.31
N VAL C 53 -12.79 24.88 38.58
CA VAL C 53 -13.44 23.63 38.96
C VAL C 53 -12.77 23.04 40.20
N LEU C 54 -11.44 22.91 40.18
CA LEU C 54 -10.79 22.07 41.18
C LEU C 54 -10.69 22.73 42.54
N SER C 55 -10.81 24.06 42.59
CA SER C 55 -10.76 24.80 43.84
C SER C 55 -12.13 24.95 44.51
N ASP C 56 -13.24 24.85 43.75
CA ASP C 56 -14.60 24.84 44.28
C ASP C 56 -14.95 23.41 44.71
N PRO C 57 -15.13 23.15 46.01
CA PRO C 57 -15.42 21.77 46.45
C PRO C 57 -16.71 21.21 45.89
N ARG C 58 -17.69 22.06 45.60
CA ARG C 58 -18.90 21.55 44.97
C ARG C 58 -18.62 21.08 43.56
N LYS C 59 -17.89 21.89 42.78
CA LYS C 59 -17.56 21.50 41.42
C LYS C 59 -16.56 20.35 41.40
N ARG C 60 -15.63 20.30 42.36
CA ARG C 60 -14.69 19.21 42.45
C ARG C 60 -15.39 17.88 42.75
N GLU C 61 -16.35 17.89 43.68
CA GLU C 61 -17.06 16.66 44.01
C GLU C 61 -17.67 16.03 42.78
N ILE C 62 -18.11 16.85 41.81
CA ILE C 62 -18.82 16.35 40.63
C ILE C 62 -17.87 15.99 39.50
N PHE C 63 -16.83 16.78 39.25
CA PHE C 63 -15.88 16.39 38.21
C PHE C 63 -15.18 15.08 38.57
N ASP C 64 -14.91 14.87 39.87
CA ASP C 64 -14.29 13.63 40.31
C ASP C 64 -15.18 12.41 40.09
N ARG C 65 -16.46 12.59 39.75
CA ARG C 65 -17.34 11.45 39.55
C ARG C 65 -17.03 10.72 38.24
N TYR C 66 -16.53 11.43 37.22
CA TYR C 66 -16.12 10.76 35.99
C TYR C 66 -15.12 9.65 36.28
N GLY C 67 -14.10 9.99 37.08
CA GLY C 67 -13.10 9.00 37.43
C GLY C 67 -13.69 7.91 38.31
N GLU C 68 -14.58 8.29 39.24
CA GLU C 68 -15.14 7.32 40.17
C GLU C 68 -15.99 6.28 39.45
N GLU C 69 -16.78 6.69 38.45
CA GLU C 69 -17.60 5.72 37.73
C GLU C 69 -16.73 4.72 36.99
N VAL C 70 -15.66 5.19 36.37
CA VAL C 70 -14.70 4.27 35.77
C VAL C 70 -14.16 3.29 36.81
N LYS C 71 -13.75 3.80 37.97
CA LYS C 71 -13.32 2.95 39.08
C LYS C 71 -14.38 1.89 39.42
N GLU C 72 -15.63 2.31 39.62
CA GLU C 72 -16.65 1.33 39.99
C GLU C 72 -16.86 0.30 38.89
N PHE C 73 -16.76 0.72 37.62
CA PHE C 73 -16.98 -0.20 36.52
C PHE C 73 -15.87 -1.25 36.45
N LEU C 74 -14.62 -0.84 36.66
CA LEU C 74 -13.54 -1.81 36.60
C LEU C 74 -13.60 -2.75 37.81
N ALA C 75 -14.02 -2.24 38.98
CA ALA C 75 -14.10 -3.10 40.15
C ALA C 75 -15.12 -4.22 39.97
N LYS C 76 -16.28 -3.92 39.38
CA LYS C 76 -17.22 -5.00 39.09
C LYS C 76 -16.70 -5.93 38.01
N ALA C 77 -16.00 -5.40 37.01
CA ALA C 77 -15.37 -6.26 36.03
C ALA C 77 -14.31 -7.16 36.68
N LYS C 78 -13.57 -6.63 37.64
CA LYS C 78 -12.60 -7.44 38.39
C LYS C 78 -13.29 -8.55 39.18
N GLU C 79 -14.38 -8.22 39.88
CA GLU C 79 -15.16 -9.23 40.58
C GLU C 79 -15.58 -10.38 39.64
N ASP C 80 -16.12 -10.04 38.45
CA ASP C 80 -16.57 -11.07 37.52
C ASP C 80 -15.42 -11.95 37.03
N PHE C 81 -14.33 -11.32 36.60
CA PHE C 81 -13.16 -12.06 36.15
C PHE C 81 -12.66 -13.00 37.24
N LEU C 82 -12.60 -12.52 38.49
CA LEU C 82 -12.03 -13.32 39.56
C LEU C 82 -12.89 -14.54 39.88
N LYS C 83 -14.22 -14.42 39.77
CA LYS C 83 -15.06 -15.58 40.01
C LYS C 83 -14.71 -16.69 39.03
N LYS C 84 -14.66 -16.36 37.73
CA LYS C 84 -14.32 -17.37 36.74
C LYS C 84 -12.86 -17.82 36.86
N TRP C 85 -11.96 -16.92 37.27
CA TRP C 85 -10.56 -17.29 37.43
C TRP C 85 -10.41 -18.38 38.47
N GLU C 86 -11.27 -18.36 39.50
CA GLU C 86 -11.27 -19.35 40.57
C GLU C 86 -12.09 -20.58 40.20
N SER C 87 -13.06 -20.45 39.29
CA SER C 87 -13.85 -21.58 38.80
C SER C 87 -13.84 -21.65 37.28
N PRO C 88 -12.70 -21.96 36.67
CA PRO C 88 -12.68 -22.08 35.21
C PRO C 88 -13.65 -23.14 34.76
N ALA C 89 -14.39 -22.85 33.69
CA ALA C 89 -15.21 -23.86 33.07
C ALA C 89 -14.30 -24.88 32.37
N GLN C 90 -14.65 -26.15 32.50
CA GLN C 90 -13.87 -27.22 31.90
C GLN C 90 -14.80 -28.08 31.05
N ASN C 91 -14.24 -28.74 30.04
CA ASN C 91 -14.92 -29.87 29.40
C ASN C 91 -16.33 -29.51 28.90
N THR C 92 -16.50 -28.30 28.35
CA THR C 92 -17.84 -27.84 27.98
C THR C 92 -18.30 -28.32 26.60
N ALA C 93 -17.54 -29.17 25.92
CA ALA C 93 -17.98 -29.75 24.64
C ALA C 93 -17.17 -31.02 24.37
N HIS C 94 -17.30 -31.56 23.16
CA HIS C 94 -16.55 -32.74 22.73
C HIS C 94 -16.23 -32.53 21.25
N LEU C 95 -15.24 -33.27 20.74
CA LEU C 95 -14.83 -33.10 19.34
C LEU C 95 -15.97 -33.42 18.37
N ASP C 96 -16.88 -34.32 18.75
CA ASP C 96 -17.94 -34.80 17.87
C ASP C 96 -18.83 -33.65 17.40
N GLN C 97 -19.25 -32.81 18.32
CA GLN C 97 -20.27 -31.81 18.01
C GLN C 97 -19.83 -30.77 16.98
N PHE C 98 -18.68 -30.99 16.34
CA PHE C 98 -18.10 -30.02 15.42
C PHE C 98 -17.62 -30.72 14.17
N GLU C 99 -17.90 -30.11 13.03
CA GLU C 99 -17.43 -30.61 11.75
C GLU C 99 -16.32 -29.69 11.25
N ARG C 100 -15.21 -30.30 10.85
CA ARG C 100 -13.99 -29.56 10.48
C ARG C 100 -14.04 -29.14 9.01
N ILE C 101 -14.18 -27.83 8.77
CA ILE C 101 -14.27 -27.29 7.41
C ILE C 101 -12.88 -27.11 6.80
N LYS C 102 -12.22 -25.99 7.10
CA LYS C 102 -10.89 -25.70 6.58
C LYS C 102 -10.05 -25.00 7.65
N THR C 103 -8.77 -24.79 7.33
CA THR C 103 -7.80 -24.17 8.22
C THR C 103 -7.68 -22.67 8.00
N LEU C 104 -7.88 -21.89 9.07
CA LEU C 104 -7.69 -20.45 9.04
C LEU C 104 -6.30 -20.01 9.47
N GLY C 105 -5.39 -20.94 9.75
CA GLY C 105 -4.07 -20.56 10.20
C GLY C 105 -3.34 -21.65 10.96
N THR C 106 -2.02 -21.64 10.91
CA THR C 106 -1.18 -22.65 11.54
C THR C 106 -0.20 -21.98 12.50
N GLY C 107 0.59 -22.79 13.17
CA GLY C 107 1.60 -22.32 14.10
C GLY C 107 2.43 -23.49 14.56
N SER C 108 3.47 -23.18 15.35
CA SER C 108 4.37 -24.25 15.81
C SER C 108 3.62 -25.25 16.69
N PHE C 109 2.54 -24.81 17.36
CA PHE C 109 1.77 -25.56 18.33
C PHE C 109 0.72 -26.48 17.72
N GLY C 110 0.34 -26.25 16.48
CA GLY C 110 -0.89 -26.80 15.94
C GLY C 110 -1.49 -25.82 14.95
N ARG C 111 -2.82 -25.70 15.00
CA ARG C 111 -3.54 -24.98 13.96
C ARG C 111 -4.91 -24.55 14.46
N VAL C 112 -5.45 -23.54 13.79
CA VAL C 112 -6.81 -23.05 14.00
C VAL C 112 -7.65 -23.46 12.82
N MET C 113 -8.86 -23.91 13.08
CA MET C 113 -9.74 -24.41 12.04
C MET C 113 -11.13 -23.79 12.19
N LEU C 114 -11.81 -23.61 11.07
CA LEU C 114 -13.20 -23.21 11.05
C LEU C 114 -14.08 -24.45 11.20
N VAL C 115 -15.09 -24.38 12.06
CA VAL C 115 -15.96 -25.51 12.37
C VAL C 115 -17.40 -25.03 12.46
N LYS C 116 -18.32 -25.99 12.37
CA LYS C 116 -19.74 -25.73 12.57
C LYS C 116 -20.28 -26.70 13.60
N HIS C 117 -20.97 -26.15 14.60
CA HIS C 117 -21.64 -26.98 15.59
C HIS C 117 -22.74 -27.78 14.91
N LYS C 118 -22.68 -29.11 15.04
CA LYS C 118 -23.60 -29.98 14.31
C LYS C 118 -25.05 -29.86 14.82
N GLU C 119 -25.26 -29.28 16.00
CA GLU C 119 -26.61 -29.17 16.59
C GLU C 119 -27.23 -27.79 16.37
N THR C 120 -26.54 -26.74 16.81
CA THR C 120 -27.08 -25.39 16.69
C THR C 120 -26.89 -24.81 15.30
N GLY C 121 -25.82 -25.20 14.59
CA GLY C 121 -25.52 -24.67 13.28
C GLY C 121 -24.56 -23.49 13.25
N ASN C 122 -24.25 -22.90 14.41
CA ASN C 122 -23.31 -21.79 14.47
C ASN C 122 -21.93 -22.19 13.98
N HIS C 123 -21.13 -21.20 13.61
CA HIS C 123 -19.76 -21.43 13.22
C HIS C 123 -18.80 -20.89 14.28
N TYR C 124 -17.61 -21.47 14.34
CA TYR C 124 -16.64 -21.16 15.37
C TYR C 124 -15.25 -21.38 14.81
N ALA C 125 -14.27 -20.72 15.43
CA ALA C 125 -12.86 -21.01 15.15
C ALA C 125 -12.31 -21.89 16.27
N MET C 126 -11.63 -22.97 15.90
CA MET C 126 -11.18 -23.98 16.85
C MET C 126 -9.66 -24.05 16.85
N LYS C 127 -9.05 -23.57 17.93
CA LYS C 127 -7.61 -23.65 18.11
C LYS C 127 -7.25 -25.05 18.58
N ILE C 128 -6.40 -25.73 17.81
CA ILE C 128 -6.08 -27.12 18.06
C ILE C 128 -4.60 -27.18 18.45
N LEU C 129 -4.33 -27.61 19.69
CA LEU C 129 -2.98 -27.64 20.22
C LEU C 129 -2.59 -29.07 20.54
N ASP C 130 -1.49 -29.52 19.96
CA ASP C 130 -1.05 -30.89 20.14
C ASP C 130 -0.25 -30.97 21.45
N LYS C 131 -0.63 -31.91 22.32
CA LYS C 131 -0.04 -31.94 23.65
C LYS C 131 1.46 -32.11 23.60
N GLN C 132 1.96 -33.03 22.77
CA GLN C 132 3.39 -33.31 22.74
C GLN C 132 4.19 -32.13 22.20
N LYS C 133 3.68 -31.47 21.16
CA LYS C 133 4.39 -30.30 20.62
C LYS C 133 4.48 -29.20 21.68
N VAL C 134 3.37 -28.92 22.37
CA VAL C 134 3.36 -27.90 23.41
C VAL C 134 4.38 -28.24 24.50
N VAL C 135 4.45 -29.51 24.89
CA VAL C 135 5.45 -29.96 25.85
C VAL C 135 6.86 -29.69 25.32
N LYS C 136 7.13 -30.11 24.08
CA LYS C 136 8.46 -29.89 23.52
C LYS C 136 8.79 -28.41 23.46
N LEU C 137 7.81 -27.56 23.12
CA LEU C 137 8.12 -26.13 23.05
C LEU C 137 8.23 -25.47 24.42
N LYS C 138 8.12 -26.22 25.52
CA LYS C 138 8.19 -25.65 26.86
C LYS C 138 7.08 -24.61 27.06
N GLN C 139 5.87 -24.93 26.61
CA GLN C 139 4.76 -23.98 26.59
C GLN C 139 3.54 -24.50 27.34
N ILE C 140 3.76 -25.35 28.34
CA ILE C 140 2.64 -25.88 29.13
C ILE C 140 1.92 -24.75 29.87
N GLU C 141 2.69 -23.89 30.55
CA GLU C 141 2.09 -22.77 31.27
C GLU C 141 1.37 -21.80 30.34
N HIS C 142 2.00 -21.46 29.21
CA HIS C 142 1.39 -20.53 28.27
C HIS C 142 0.02 -21.05 27.83
N THR C 143 -0.08 -22.37 27.61
CA THR C 143 -1.31 -22.95 27.10
C THR C 143 -2.36 -23.06 28.20
N LEU C 144 -1.92 -23.37 29.43
CA LEU C 144 -2.86 -23.43 30.54
C LEU C 144 -3.43 -22.03 30.82
N ASN C 145 -2.56 -21.02 30.85
CA ASN C 145 -2.99 -19.67 31.18
C ASN C 145 -3.90 -19.11 30.10
N GLU C 146 -3.58 -19.33 28.83
CA GLU C 146 -4.40 -18.78 27.75
C GLU C 146 -5.84 -19.23 27.89
N LYS C 147 -6.06 -20.52 28.19
CA LYS C 147 -7.41 -21.03 28.47
C LYS C 147 -8.02 -20.34 29.68
N ARG C 148 -7.27 -20.32 30.80
CA ARG C 148 -7.77 -19.72 32.03
C ARG C 148 -8.12 -18.24 31.85
N ILE C 149 -7.27 -17.49 31.14
CA ILE C 149 -7.53 -16.07 30.91
C ILE C 149 -8.73 -15.91 29.97
N LEU C 150 -8.70 -16.61 28.84
CA LEU C 150 -9.74 -16.48 27.83
C LEU C 150 -11.12 -16.84 28.37
N GLN C 151 -11.22 -17.74 29.35
CA GLN C 151 -12.54 -18.09 29.86
C GLN C 151 -13.07 -17.13 30.93
N ALA C 152 -12.21 -16.25 31.48
CA ALA C 152 -12.65 -15.35 32.54
C ALA C 152 -12.90 -13.92 32.06
N VAL C 153 -12.32 -13.52 30.92
CA VAL C 153 -12.38 -12.14 30.45
C VAL C 153 -13.70 -11.86 29.75
N ASN C 154 -14.19 -10.62 29.89
CA ASN C 154 -15.37 -10.19 29.16
C ASN C 154 -15.22 -8.73 28.79
N PHE C 155 -15.08 -8.45 27.49
CA PHE C 155 -14.90 -7.10 26.98
C PHE C 155 -15.16 -7.12 25.47
N PRO C 156 -15.77 -6.06 24.91
CA PRO C 156 -16.23 -6.13 23.51
C PRO C 156 -15.13 -6.41 22.50
N PHE C 157 -13.88 -6.01 22.76
CA PHE C 157 -12.86 -6.14 21.74
C PHE C 157 -11.96 -7.36 21.95
N LEU C 158 -12.40 -8.31 22.79
CA LEU C 158 -11.69 -9.57 22.99
C LEU C 158 -12.44 -10.69 22.28
N VAL C 159 -11.72 -11.53 21.53
CA VAL C 159 -12.33 -12.75 20.99
C VAL C 159 -12.96 -13.53 22.14
N LYS C 160 -14.02 -14.27 21.87
CA LYS C 160 -14.79 -14.90 22.94
C LYS C 160 -14.71 -16.42 22.81
N LEU C 161 -14.32 -17.06 23.91
CA LEU C 161 -14.19 -18.51 23.98
C LEU C 161 -15.53 -19.08 24.41
N GLU C 162 -16.09 -19.98 23.60
CA GLU C 162 -17.32 -20.66 23.99
C GLU C 162 -17.12 -22.05 24.53
N PHE C 163 -16.11 -22.78 24.06
CA PHE C 163 -15.90 -24.16 24.51
C PHE C 163 -14.42 -24.47 24.58
N SER C 164 -14.07 -25.28 25.56
CA SER C 164 -12.73 -25.82 25.67
C SER C 164 -12.83 -27.23 26.20
N PHE C 165 -11.92 -28.09 25.74
CA PHE C 165 -11.91 -29.51 26.10
C PHE C 165 -10.61 -30.09 25.60
N LYS C 166 -10.39 -31.38 25.89
CA LYS C 166 -9.19 -32.06 25.45
C LYS C 166 -9.54 -33.50 25.12
N ASP C 167 -8.59 -34.19 24.48
CA ASP C 167 -8.72 -35.63 24.24
C ASP C 167 -7.35 -36.24 24.49
N ASN C 168 -7.15 -37.47 23.99
CA ASN C 168 -5.92 -38.20 24.31
C ASN C 168 -4.67 -37.52 23.78
N SER C 169 -4.77 -36.70 22.73
CA SER C 169 -3.61 -36.14 22.08
C SER C 169 -3.57 -34.62 22.02
N ASN C 170 -4.72 -33.92 22.07
CA ASN C 170 -4.75 -32.49 21.84
C ASN C 170 -5.59 -31.73 22.88
N LEU C 171 -5.44 -30.41 22.82
CA LEU C 171 -6.29 -29.46 23.52
C LEU C 171 -6.99 -28.58 22.48
N TYR C 172 -8.26 -28.26 22.73
CA TYR C 172 -9.11 -27.53 21.79
C TYR C 172 -9.73 -26.32 22.46
N MET C 173 -9.63 -25.16 21.81
CA MET C 173 -10.30 -23.95 22.27
C MET C 173 -11.21 -23.47 21.14
N VAL C 174 -12.49 -23.32 21.45
CA VAL C 174 -13.50 -23.08 20.45
C VAL C 174 -14.00 -21.66 20.66
N MET C 175 -13.70 -20.79 19.70
CA MET C 175 -13.98 -19.36 19.83
C MET C 175 -14.96 -18.92 18.75
N GLU C 176 -15.54 -17.75 18.96
CA GLU C 176 -16.40 -17.15 17.95
C GLU C 176 -15.65 -16.98 16.65
N TYR C 177 -16.24 -17.43 15.56
CA TYR C 177 -15.67 -17.18 14.25
C TYR C 177 -15.83 -15.70 13.91
N VAL C 178 -14.70 -15.03 13.70
CA VAL C 178 -14.67 -13.63 13.29
C VAL C 178 -14.32 -13.62 11.81
N PRO C 179 -15.22 -13.19 10.91
CA PRO C 179 -15.07 -13.50 9.47
C PRO C 179 -14.23 -12.50 8.69
N GLY C 180 -14.02 -11.29 9.23
CA GLY C 180 -13.29 -10.26 8.51
C GLY C 180 -11.80 -10.52 8.28
N GLY C 181 -11.21 -11.53 8.94
CA GLY C 181 -9.80 -11.81 8.79
C GLY C 181 -8.90 -10.96 9.67
N GLU C 182 -7.59 -11.23 9.53
CA GLU C 182 -6.57 -10.54 10.30
C GLU C 182 -6.40 -9.11 9.79
N MET C 183 -6.21 -8.15 10.71
CA MET C 183 -5.79 -6.82 10.29
C MET C 183 -4.53 -6.86 9.45
N PHE C 184 -3.65 -7.84 9.72
CA PHE C 184 -2.43 -8.02 8.93
C PHE C 184 -2.70 -8.05 7.42
N SER C 185 -3.66 -8.87 6.97
CA SER C 185 -3.91 -9.00 5.53
C SER C 185 -4.34 -7.67 4.92
N HIS C 186 -5.34 -7.04 5.51
CA HIS C 186 -5.81 -5.75 5.03
C HIS C 186 -4.72 -4.70 5.05
N LEU C 187 -3.78 -4.79 5.98
CA LEU C 187 -2.75 -3.75 6.07
C LEU C 187 -1.64 -3.99 5.07
N ARG C 188 -1.25 -5.24 4.83
CA ARG C 188 -0.21 -5.47 3.82
C ARG C 188 -0.75 -5.22 2.42
N ARG C 189 -2.04 -5.47 2.18
CA ARG C 189 -2.61 -5.30 0.85
C ARG C 189 -2.78 -3.82 0.49
N ILE C 190 -3.43 -3.06 1.37
CA ILE C 190 -3.57 -1.64 1.13
C ILE C 190 -2.20 -0.96 1.20
N GLY C 191 -1.37 -1.35 2.15
CA GLY C 191 -0.06 -0.76 2.29
C GLY C 191 0.07 0.07 3.55
N ARG C 192 -0.84 1.03 3.74
CA ARG C 192 -0.94 1.78 4.98
C ARG C 192 -2.38 2.24 5.15
N PHE C 193 -2.74 2.52 6.41
CA PHE C 193 -4.01 3.12 6.77
C PHE C 193 -3.84 4.61 6.93
N SEP C 194 -4.88 5.36 6.55
CA SEP C 194 -5.01 6.79 6.85
CB SEP C 194 -6.31 7.37 6.24
OG SEP C 194 -7.46 7.24 7.08
C SEP C 194 -4.98 6.97 8.37
O SEP C 194 -5.40 6.07 9.12
P SEP C 194 -8.94 7.48 6.36
O1P SEP C 194 -9.31 6.30 5.32
O2P SEP C 194 -9.04 8.90 5.60
O3P SEP C 194 -10.10 7.48 7.49
N GLU C 195 -4.47 8.12 8.83
CA GLU C 195 -4.42 8.41 10.27
C GLU C 195 -5.77 8.25 11.01
N PRO C 196 -6.88 8.76 10.45
CA PRO C 196 -8.17 8.53 11.12
C PRO C 196 -8.55 7.06 11.18
N HIS C 197 -8.27 6.32 10.10
CA HIS C 197 -8.54 4.90 10.10
C HIS C 197 -7.70 4.19 11.16
N ALA C 198 -6.40 4.53 11.24
CA ALA C 198 -5.55 3.92 12.25
C ALA C 198 -6.00 4.30 13.65
N ARG C 199 -6.50 5.53 13.83
CA ARG C 199 -6.93 5.96 15.15
C ARG C 199 -8.16 5.17 15.59
N PHE C 200 -9.04 4.83 14.65
CA PHE C 200 -10.21 4.03 14.99
C PHE C 200 -9.79 2.72 15.65
N TYR C 201 -8.79 2.06 15.08
CA TYR C 201 -8.28 0.82 15.64
C TYR C 201 -7.55 1.06 16.96
N ALA C 202 -6.74 2.13 17.04
CA ALA C 202 -5.94 2.35 18.25
C ALA C 202 -6.81 2.50 19.48
N ALA C 203 -7.93 3.24 19.37
CA ALA C 203 -8.78 3.56 20.52
C ALA C 203 -9.40 2.31 21.13
N GLN C 204 -9.81 1.36 20.28
CA GLN C 204 -10.16 0.03 20.76
C GLN C 204 -9.02 -0.57 21.61
N ILE C 205 -7.80 -0.61 21.05
CA ILE C 205 -6.68 -1.20 21.78
C ILE C 205 -6.42 -0.47 23.09
N VAL C 206 -6.52 0.87 23.07
CA VAL C 206 -6.35 1.61 24.31
C VAL C 206 -7.35 1.15 25.37
N LEU C 207 -8.63 1.05 24.98
CA LEU C 207 -9.65 0.64 25.95
C LEU C 207 -9.38 -0.77 26.46
N THR C 208 -9.04 -1.71 25.55
CA THR C 208 -8.90 -3.08 26.03
C THR C 208 -7.66 -3.25 26.89
N PHE C 209 -6.59 -2.50 26.64
CA PHE C 209 -5.50 -2.51 27.60
C PHE C 209 -5.93 -1.94 28.95
N GLU C 210 -6.85 -0.98 28.94
CA GLU C 210 -7.31 -0.46 30.23
C GLU C 210 -8.03 -1.55 31.02
N TYR C 211 -8.87 -2.32 30.34
CA TYR C 211 -9.54 -3.44 30.98
C TYR C 211 -8.53 -4.50 31.43
N LEU C 212 -7.72 -5.00 30.49
CA LEU C 212 -6.80 -6.08 30.83
C LEU C 212 -5.83 -5.67 31.94
N HIS C 213 -5.35 -4.43 31.90
CA HIS C 213 -4.43 -4.03 32.95
C HIS C 213 -5.12 -3.93 34.31
N SER C 214 -6.40 -3.52 34.36
CA SER C 214 -7.03 -3.49 35.67
C SER C 214 -7.19 -4.91 36.24
N LEU C 215 -7.19 -5.92 35.38
CA LEU C 215 -7.20 -7.29 35.86
C LEU C 215 -5.81 -7.80 36.21
N ASP C 216 -4.78 -6.97 36.02
CA ASP C 216 -3.37 -7.35 36.22
C ASP C 216 -2.84 -8.25 35.10
N LEU C 217 -3.42 -8.17 33.92
CA LEU C 217 -2.96 -8.98 32.80
C LEU C 217 -2.03 -8.14 31.94
N ILE C 218 -0.86 -8.68 31.62
CA ILE C 218 0.01 -8.14 30.58
C ILE C 218 -0.20 -8.99 29.34
N TYR C 219 -0.50 -8.33 28.22
CA TYR C 219 -0.95 -9.08 27.04
C TYR C 219 0.25 -9.69 26.31
N ARG C 220 1.21 -8.86 25.94
CA ARG C 220 2.55 -9.20 25.48
C ARG C 220 2.64 -9.67 24.05
N ASP C 221 1.56 -9.70 23.26
CA ASP C 221 1.69 -10.14 21.86
C ASP C 221 0.84 -9.29 20.92
N LEU C 222 0.93 -7.97 21.07
CA LEU C 222 0.23 -7.04 20.19
C LEU C 222 0.93 -6.97 18.84
N LYS C 223 0.16 -7.15 17.77
CA LYS C 223 0.63 -7.06 16.39
C LYS C 223 -0.57 -7.23 15.46
N PRO C 224 -0.46 -6.73 14.23
CA PRO C 224 -1.61 -6.82 13.30
C PRO C 224 -2.11 -8.23 13.08
N GLU C 225 -1.22 -9.24 13.15
CA GLU C 225 -1.61 -10.62 12.94
C GLU C 225 -2.63 -11.12 13.97
N ASN C 226 -2.73 -10.48 15.13
CA ASN C 226 -3.65 -10.94 16.17
C ASN C 226 -4.89 -10.08 16.33
N LEU C 227 -5.06 -9.04 15.53
CA LEU C 227 -6.27 -8.22 15.58
C LEU C 227 -7.18 -8.63 14.42
N LEU C 228 -8.26 -9.32 14.75
CA LEU C 228 -9.25 -9.72 13.76
C LEU C 228 -10.32 -8.64 13.64
N ILE C 229 -10.97 -8.59 12.47
CA ILE C 229 -11.96 -7.56 12.19
C ILE C 229 -13.32 -8.24 12.08
N ASP C 230 -14.29 -7.79 12.86
CA ASP C 230 -15.59 -8.45 12.82
C ASP C 230 -16.46 -7.87 11.70
N GLN C 231 -17.74 -8.29 11.68
CA GLN C 231 -18.65 -7.88 10.61
C GLN C 231 -18.94 -6.39 10.65
N GLN C 232 -18.80 -5.74 11.81
CA GLN C 232 -18.98 -4.30 11.90
C GLN C 232 -17.68 -3.54 11.70
N GLY C 233 -16.61 -4.22 11.32
CA GLY C 233 -15.33 -3.54 11.12
C GLY C 233 -14.60 -3.20 12.39
N TYR C 234 -15.02 -3.78 13.52
CA TYR C 234 -14.38 -3.62 14.81
C TYR C 234 -13.39 -4.75 15.06
N ILE C 235 -12.53 -4.53 16.04
CA ILE C 235 -11.41 -5.43 16.34
C ILE C 235 -11.83 -6.45 17.38
N GLN C 236 -11.36 -7.69 17.20
CA GLN C 236 -11.32 -8.68 18.27
C GLN C 236 -9.89 -9.17 18.42
N VAL C 237 -9.32 -8.96 19.62
CA VAL C 237 -7.97 -9.42 19.93
C VAL C 237 -7.96 -10.93 20.14
N THR C 238 -7.01 -11.60 19.51
CA THR C 238 -6.86 -13.05 19.63
C THR C 238 -5.44 -13.38 20.09
N ASP C 239 -5.23 -14.67 20.41
CA ASP C 239 -3.92 -15.19 20.82
C ASP C 239 -3.50 -14.64 22.19
N PHE C 240 -3.78 -15.39 23.25
CA PHE C 240 -3.39 -15.00 24.60
C PHE C 240 -2.30 -15.92 25.15
N GLY C 241 -1.52 -16.54 24.25
CA GLY C 241 -0.49 -17.50 24.65
C GLY C 241 0.59 -16.92 25.54
N PHE C 242 0.90 -15.64 25.39
CA PHE C 242 1.97 -15.02 26.16
C PHE C 242 1.45 -14.11 27.26
N ALA C 243 0.14 -14.06 27.48
CA ALA C 243 -0.41 -13.15 28.44
C ALA C 243 -0.27 -13.73 29.84
N LYS C 244 0.07 -12.88 30.80
CA LYS C 244 0.36 -13.33 32.14
C LYS C 244 -0.31 -12.42 33.16
N ARG C 245 -0.85 -13.03 34.21
CA ARG C 245 -1.28 -12.29 35.38
C ARG C 245 -0.07 -11.86 36.22
N VAL C 246 0.18 -10.56 36.30
CA VAL C 246 1.42 -10.01 36.83
C VAL C 246 1.07 -8.81 37.71
N LYS C 247 1.47 -8.84 38.97
CA LYS C 247 1.26 -7.68 39.81
C LYS C 247 2.48 -6.78 39.96
N GLY C 248 3.69 -7.25 39.63
CA GLY C 248 4.90 -6.43 39.72
C GLY C 248 5.86 -6.56 38.53
N ARG C 249 7.16 -6.72 38.80
CA ARG C 249 8.14 -7.05 37.77
C ARG C 249 7.86 -8.46 37.23
N THR C 250 8.16 -8.68 35.95
CA THR C 250 8.30 -10.01 35.35
C THR C 250 9.47 -9.95 34.36
N TRP C 251 9.90 -11.11 33.87
CA TRP C 251 11.22 -11.17 33.22
C TRP C 251 11.33 -11.85 31.87
N TPO C 252 10.41 -12.77 31.55
CA TPO C 252 10.51 -13.58 30.32
CB TPO C 252 9.26 -14.38 30.17
CG2 TPO C 252 9.37 -15.22 28.89
OG1 TPO C 252 9.09 -15.20 31.31
P TPO C 252 7.79 -14.78 32.12
O1P TPO C 252 6.54 -15.30 31.51
O2P TPO C 252 7.77 -13.18 32.24
O3P TPO C 252 7.96 -15.37 33.61
C TPO C 252 10.74 -12.80 29.03
O TPO C 252 10.01 -11.87 28.72
N LEU C 253 11.76 -13.18 28.27
CA LEU C 253 11.92 -12.60 26.94
C LEU C 253 10.99 -13.39 26.02
N CYS C 254 9.88 -12.78 25.63
CA CYS C 254 8.91 -13.44 24.77
C CYS C 254 8.11 -12.38 24.03
N GLY C 255 7.59 -12.73 22.87
CA GLY C 255 6.80 -11.82 22.06
C GLY C 255 7.26 -11.86 20.63
N THR C 256 6.83 -10.88 19.89
CA THR C 256 7.28 -10.81 18.50
C THR C 256 8.37 -9.76 18.38
N PRO C 257 9.45 -10.04 17.66
CA PRO C 257 10.63 -9.16 17.80
C PRO C 257 10.36 -7.69 17.50
N GLU C 258 9.58 -7.39 16.45
CA GLU C 258 9.33 -5.99 16.08
C GLU C 258 8.64 -5.23 17.20
N TYR C 259 7.87 -5.92 18.02
CA TYR C 259 6.99 -5.23 18.95
C TYR C 259 7.51 -5.26 20.38
N LEU C 260 8.76 -5.66 20.62
CA LEU C 260 9.30 -5.83 21.98
C LEU C 260 9.86 -4.51 22.50
N ALA C 261 9.49 -4.17 23.73
CA ALA C 261 10.03 -2.98 24.38
C ALA C 261 11.49 -3.23 24.78
N PRO C 262 12.31 -2.18 24.91
CA PRO C 262 13.74 -2.40 25.21
C PRO C 262 13.93 -3.28 26.43
N GLU C 263 13.11 -3.09 27.47
CA GLU C 263 13.30 -3.77 28.75
C GLU C 263 12.82 -5.22 28.76
N ILE C 264 12.06 -5.65 27.75
CA ILE C 264 11.89 -7.09 27.57
C ILE C 264 13.16 -7.68 26.99
N ILE C 265 13.80 -6.95 26.07
CA ILE C 265 14.99 -7.45 25.41
C ILE C 265 16.14 -7.53 26.40
N LEU C 266 16.39 -6.44 27.11
CA LEU C 266 17.39 -6.43 28.16
C LEU C 266 16.91 -7.27 29.35
N SER C 267 17.87 -7.77 30.10
CA SER C 267 17.64 -8.77 31.13
C SER C 267 17.00 -8.19 32.40
N LYS C 268 16.85 -6.89 32.51
CA LYS C 268 16.13 -6.33 33.66
C LYS C 268 14.66 -6.71 33.61
N GLY C 269 13.97 -6.53 34.75
CA GLY C 269 12.55 -6.81 34.83
C GLY C 269 11.69 -5.75 34.13
N TYR C 270 10.42 -6.10 33.89
CA TYR C 270 9.49 -5.16 33.31
C TYR C 270 8.09 -5.42 33.85
N ASN C 271 7.15 -4.57 33.43
CA ASN C 271 5.76 -4.66 33.87
C ASN C 271 4.86 -4.28 32.69
N LYS C 272 3.62 -3.92 33.02
CA LYS C 272 2.60 -3.59 32.03
C LYS C 272 3.00 -2.47 31.08
N ALA C 273 4.04 -1.70 31.40
CA ALA C 273 4.43 -0.60 30.51
C ALA C 273 4.80 -1.08 29.11
N VAL C 274 5.19 -2.36 28.96
CA VAL C 274 5.59 -2.85 27.64
C VAL C 274 4.41 -2.86 26.66
N ASP C 275 3.18 -3.03 27.16
CA ASP C 275 2.05 -3.02 26.22
C ASP C 275 1.89 -1.65 25.59
N TRP C 276 2.25 -0.59 26.31
CA TRP C 276 2.13 0.74 25.75
C TRP C 276 3.20 1.01 24.70
N TRP C 277 4.44 0.60 24.97
CA TRP C 277 5.46 0.57 23.92
C TRP C 277 4.92 -0.12 22.67
N ALA C 278 4.30 -1.29 22.85
CA ALA C 278 3.83 -2.03 21.69
C ALA C 278 2.68 -1.31 20.98
N LEU C 279 1.80 -0.59 21.72
CA LEU C 279 0.80 0.22 21.05
C LEU C 279 1.45 1.24 20.11
N GLY C 280 2.51 1.90 20.57
CA GLY C 280 3.23 2.82 19.70
C GLY C 280 3.80 2.16 18.45
N VAL C 281 4.26 0.89 18.56
CA VAL C 281 4.73 0.20 17.37
C VAL C 281 3.58 -0.04 16.40
N LEU C 282 2.44 -0.51 16.91
CA LEU C 282 1.28 -0.82 16.06
C LEU C 282 0.75 0.44 15.38
N ILE C 283 0.65 1.53 16.13
CA ILE C 283 0.20 2.79 15.54
C ILE C 283 1.13 3.22 14.41
N TYR C 284 2.45 3.20 14.68
CA TYR C 284 3.43 3.50 13.65
C TYR C 284 3.24 2.58 12.44
N GLU C 285 3.05 1.27 12.68
CA GLU C 285 2.95 0.36 11.55
C GLU C 285 1.66 0.61 10.76
N MET C 286 0.54 0.85 11.45
CA MET C 286 -0.71 1.15 10.74
C MET C 286 -0.57 2.38 9.85
N ALA C 287 0.12 3.42 10.33
CA ALA C 287 0.24 4.64 9.52
C ALA C 287 1.34 4.55 8.48
N ALA C 288 2.50 3.98 8.84
CA ALA C 288 3.60 3.99 7.89
C ALA C 288 3.49 2.87 6.88
N GLY C 289 2.84 1.75 7.24
CA GLY C 289 2.90 0.54 6.45
C GLY C 289 4.04 -0.38 6.79
N TYR C 290 4.99 0.07 7.61
CA TYR C 290 6.09 -0.73 8.13
C TYR C 290 6.34 -0.35 9.59
N PRO C 291 6.91 -1.25 10.38
CA PRO C 291 7.14 -0.95 11.81
C PRO C 291 8.40 -0.13 12.00
N PRO C 292 8.54 0.57 13.14
CA PRO C 292 9.69 1.49 13.31
C PRO C 292 11.05 0.82 13.49
N PHE C 293 11.15 -0.49 13.69
CA PHE C 293 12.45 -1.15 13.88
C PHE C 293 12.41 -2.48 13.12
N PHE C 294 13.11 -2.58 12.00
CA PHE C 294 13.14 -3.85 11.29
C PHE C 294 14.53 -4.08 10.71
N ALA C 295 14.78 -5.32 10.32
CA ALA C 295 16.10 -5.76 9.86
C ALA C 295 16.01 -7.23 9.47
N ASP C 296 17.10 -7.72 8.88
CA ASP C 296 17.12 -9.09 8.36
C ASP C 296 17.06 -10.12 9.49
N GLN C 297 17.74 -9.86 10.62
CA GLN C 297 17.73 -10.80 11.73
C GLN C 297 17.20 -10.16 13.01
N PRO C 298 16.48 -10.94 13.83
CA PRO C 298 15.97 -10.44 15.13
C PRO C 298 16.96 -9.64 15.96
N ILE C 299 18.21 -10.12 16.12
CA ILE C 299 19.16 -9.40 16.97
C ILE C 299 19.49 -8.03 16.40
N GLN C 300 19.47 -7.86 15.07
CA GLN C 300 19.62 -6.52 14.51
C GLN C 300 18.43 -5.64 14.86
N ILE C 301 17.22 -6.21 14.88
CA ILE C 301 16.05 -5.46 15.33
C ILE C 301 16.23 -5.03 16.78
N TYR C 302 16.54 -6.00 17.66
CA TYR C 302 16.79 -5.73 19.08
C TYR C 302 17.78 -4.59 19.23
N GLU C 303 18.84 -4.61 18.44
CA GLU C 303 19.84 -3.54 18.44
C GLU C 303 19.20 -2.18 18.13
N LYS C 304 18.26 -2.13 17.18
CA LYS C 304 17.62 -0.84 16.87
C LYS C 304 16.67 -0.41 17.99
N ILE C 305 15.90 -1.37 18.52
CA ILE C 305 14.99 -1.08 19.63
C ILE C 305 15.76 -0.48 20.81
N VAL C 306 16.89 -1.09 21.17
CA VAL C 306 17.57 -0.69 22.39
C VAL C 306 18.18 0.69 22.25
N SER C 307 18.71 1.02 21.07
CA SER C 307 19.27 2.35 20.93
C SER C 307 18.18 3.40 20.79
N GLY C 308 16.96 2.98 20.45
CA GLY C 308 15.77 3.81 20.58
C GLY C 308 15.51 4.82 19.47
N LYS C 309 16.50 5.15 18.63
CA LYS C 309 16.28 6.13 17.57
C LYS C 309 15.14 5.70 16.63
N VAL C 310 14.20 6.62 16.38
CA VAL C 310 13.03 6.40 15.52
C VAL C 310 12.99 7.50 14.47
N ARG C 311 12.77 7.14 13.21
CA ARG C 311 12.52 8.12 12.16
C ARG C 311 11.11 8.00 11.65
N PHE C 312 10.42 9.11 11.57
CA PHE C 312 9.02 9.11 11.17
C PHE C 312 8.88 9.49 9.72
N PRO C 313 8.01 8.83 8.95
CA PRO C 313 7.78 9.26 7.57
C PRO C 313 7.21 10.67 7.56
N SER C 314 7.51 11.42 6.48
CA SER C 314 7.15 12.82 6.41
C SER C 314 5.64 13.06 6.37
N HIS C 315 4.86 12.07 5.98
CA HIS C 315 3.41 12.25 5.99
C HIS C 315 2.80 12.06 7.38
N PHE C 316 3.59 11.65 8.38
CA PHE C 316 3.07 11.59 9.73
C PHE C 316 2.70 12.99 10.19
N SER C 317 1.46 13.15 10.65
CA SER C 317 1.06 14.43 11.21
C SER C 317 1.85 14.73 12.48
N SER C 318 1.87 16.01 12.85
CA SER C 318 2.74 16.41 13.94
C SER C 318 2.24 15.91 15.30
N ASP C 319 0.93 15.73 15.47
CA ASP C 319 0.42 15.17 16.72
C ASP C 319 0.73 13.68 16.82
N LEU C 320 0.59 12.96 15.69
CA LEU C 320 0.96 11.56 15.63
C LEU C 320 2.41 11.37 16.10
N LYS C 321 3.30 12.22 15.60
CA LYS C 321 4.70 12.10 16.01
C LYS C 321 4.85 12.38 17.50
N ASP C 322 4.03 13.28 18.04
CA ASP C 322 4.15 13.59 19.46
C ASP C 322 3.67 12.41 20.30
N LEU C 323 2.55 11.81 19.91
CA LEU C 323 2.04 10.64 20.60
C LEU C 323 3.08 9.54 20.61
N LEU C 324 3.67 9.26 19.44
CA LEU C 324 4.61 8.16 19.29
C LEU C 324 5.88 8.41 20.10
N ARG C 325 6.42 9.63 20.06
CA ARG C 325 7.62 9.92 20.82
C ARG C 325 7.44 9.66 22.32
N ASN C 326 6.19 9.69 22.80
CA ASN C 326 5.90 9.42 24.19
C ASN C 326 5.53 7.97 24.45
N LEU C 327 5.06 7.25 23.43
CA LEU C 327 4.84 5.81 23.56
C LEU C 327 6.14 5.03 23.36
N LEU C 328 6.89 5.35 22.31
CA LEU C 328 8.16 4.69 22.02
C LEU C 328 9.28 5.32 22.83
N GLN C 329 9.05 5.46 24.13
CA GLN C 329 9.98 6.13 25.01
C GLN C 329 10.78 5.07 25.76
N VAL C 330 12.11 5.12 25.64
CA VAL C 330 12.97 4.17 26.32
C VAL C 330 12.86 4.33 27.84
N ASP C 331 12.77 5.58 28.32
CA ASP C 331 12.76 5.88 29.75
C ASP C 331 11.40 5.53 30.35
N LEU C 332 11.40 4.58 31.29
CA LEU C 332 10.16 4.17 31.93
C LEU C 332 9.54 5.28 32.75
N THR C 333 10.35 6.12 33.39
CA THR C 333 9.79 7.23 34.13
C THR C 333 9.23 8.33 33.23
N LYS C 334 9.07 8.08 31.92
CA LYS C 334 8.52 9.09 31.03
C LYS C 334 7.55 8.51 30.00
N ARG C 335 7.31 7.21 30.00
CA ARG C 335 6.46 6.61 28.98
C ARG C 335 4.99 6.82 29.28
N PHE C 336 4.24 7.31 28.30
CA PHE C 336 2.80 7.42 28.48
C PHE C 336 2.21 6.07 28.84
N GLY C 337 1.05 6.08 29.51
CA GLY C 337 0.50 4.89 30.12
C GLY C 337 1.18 4.48 31.41
N ASN C 338 2.38 4.99 31.67
CA ASN C 338 3.16 4.63 32.86
C ASN C 338 3.26 5.79 33.86
N LEU C 339 2.45 6.83 33.70
CA LEU C 339 2.64 8.09 34.41
C LEU C 339 1.53 8.30 35.45
N LYS C 340 1.66 9.41 36.19
CA LYS C 340 0.70 9.74 37.24
C LYS C 340 -0.74 9.61 36.74
N ASN C 341 -1.02 10.08 35.52
CA ASN C 341 -2.39 10.09 35.02
C ASN C 341 -2.77 8.83 34.26
N GLY C 342 -1.98 7.75 34.37
CA GLY C 342 -2.21 6.52 33.65
C GLY C 342 -2.67 6.66 32.21
N VAL C 343 -3.72 5.91 31.85
CA VAL C 343 -4.17 5.82 30.47
C VAL C 343 -4.80 7.11 29.99
N ASN C 344 -4.96 8.10 30.87
CA ASN C 344 -5.53 9.35 30.43
C ASN C 344 -4.51 10.24 29.72
N ASP C 345 -3.21 10.01 29.96
CA ASP C 345 -2.19 10.69 29.16
C ASP C 345 -2.28 10.28 27.69
N ILE C 346 -2.76 9.07 27.41
CA ILE C 346 -2.98 8.69 26.03
C ILE C 346 -4.34 9.16 25.56
N LYS C 347 -5.37 8.89 26.38
CA LYS C 347 -6.74 9.20 25.99
C LYS C 347 -6.92 10.69 25.68
N ASN C 348 -6.18 11.57 26.36
CA ASN C 348 -6.38 13.00 26.21
C ASN C 348 -5.40 13.65 25.26
N HIS C 349 -4.44 12.89 24.75
CA HIS C 349 -3.47 13.43 23.80
C HIS C 349 -4.18 14.06 22.61
N LYS C 350 -3.59 15.14 22.09
CA LYS C 350 -4.16 15.86 20.96
C LYS C 350 -4.50 14.95 19.76
N TRP C 351 -3.73 13.87 19.53
CA TRP C 351 -4.02 13.03 18.36
C TRP C 351 -5.39 12.36 18.48
N PHE C 352 -5.86 12.16 19.71
CA PHE C 352 -7.11 11.46 19.95
C PHE C 352 -8.29 12.44 20.16
N ALA C 353 -8.15 13.71 19.76
CA ALA C 353 -9.17 14.70 20.07
C ALA C 353 -10.52 14.34 19.46
N THR C 354 -10.52 13.85 18.22
CA THR C 354 -11.75 13.48 17.53
C THR C 354 -12.43 12.25 18.11
N THR C 355 -11.83 11.59 19.11
CA THR C 355 -12.24 10.25 19.50
C THR C 355 -13.28 10.33 20.60
N ASP C 356 -14.48 9.83 20.30
CA ASP C 356 -15.56 9.69 21.26
C ASP C 356 -15.40 8.32 21.91
N TRP C 357 -14.79 8.31 23.09
CA TRP C 357 -14.36 7.07 23.70
C TRP C 357 -15.54 6.17 24.05
N ILE C 358 -16.62 6.75 24.61
CA ILE C 358 -17.80 5.97 24.98
C ILE C 358 -18.47 5.35 23.75
N ALA C 359 -18.45 6.08 22.62
CA ALA C 359 -19.09 5.58 21.41
C ALA C 359 -18.28 4.47 20.76
N ILE C 360 -16.94 4.55 20.84
CA ILE C 360 -16.08 3.45 20.40
C ILE C 360 -16.40 2.19 21.21
N TYR C 361 -16.48 2.34 22.53
CA TYR C 361 -16.79 1.20 23.39
C TYR C 361 -18.15 0.61 23.05
N GLN C 362 -19.18 1.46 22.99
CA GLN C 362 -20.52 1.04 22.62
C GLN C 362 -20.61 0.63 21.16
N ARG C 363 -19.52 0.82 20.41
CA ARG C 363 -19.44 0.43 19.00
C ARG C 363 -20.45 1.21 18.16
N LYS C 364 -20.61 2.48 18.48
CA LYS C 364 -21.55 3.32 17.75
C LYS C 364 -20.90 4.05 16.58
N VAL C 365 -19.57 4.17 16.57
CA VAL C 365 -18.85 4.82 15.50
C VAL C 365 -18.81 3.92 14.27
N GLU C 366 -18.81 4.53 13.10
CA GLU C 366 -18.87 3.79 11.85
C GLU C 366 -17.45 3.37 11.45
N ALA C 367 -17.24 2.07 11.30
CA ALA C 367 -15.93 1.57 10.92
C ALA C 367 -15.52 2.20 9.61
N PRO C 368 -14.28 2.68 9.48
CA PRO C 368 -13.78 3.09 8.16
C PRO C 368 -13.76 1.94 7.14
N PHE C 369 -13.88 0.71 7.60
CA PHE C 369 -13.70 -0.46 6.74
C PHE C 369 -14.54 -1.59 7.30
N ILE C 370 -15.39 -2.16 6.44
CA ILE C 370 -16.34 -3.19 6.84
C ILE C 370 -16.23 -4.31 5.82
N PRO C 371 -15.45 -5.35 6.08
CA PRO C 371 -14.92 -6.20 4.98
C PRO C 371 -16.01 -6.93 4.21
N LYS C 372 -15.60 -7.44 3.05
CA LYS C 372 -16.52 -8.08 2.11
C LYS C 372 -16.93 -9.44 2.68
N PHE C 373 -18.21 -9.57 3.04
CA PHE C 373 -18.78 -10.78 3.59
C PHE C 373 -19.70 -11.43 2.55
N LYS C 374 -19.59 -12.78 2.42
CA LYS C 374 -20.32 -13.51 1.38
C LYS C 374 -21.02 -14.76 1.93
N GLY C 375 -21.39 -14.75 3.21
CA GLY C 375 -22.08 -15.88 3.79
C GLY C 375 -21.44 -16.40 5.07
N PRO C 376 -22.26 -16.81 6.05
CA PRO C 376 -21.73 -17.47 7.24
C PRO C 376 -20.87 -18.67 6.85
N GLY C 377 -19.70 -18.76 7.46
CA GLY C 377 -18.73 -19.78 7.10
C GLY C 377 -17.83 -19.44 5.93
N ASP C 378 -18.08 -18.34 5.21
CA ASP C 378 -17.25 -18.00 4.07
C ASP C 378 -15.92 -17.45 4.57
N THR C 379 -14.83 -17.99 4.02
CA THR C 379 -13.49 -17.55 4.37
C THR C 379 -12.83 -16.78 3.23
N SER C 380 -13.51 -15.74 2.76
CA SER C 380 -12.95 -14.85 1.74
C SER C 380 -11.72 -14.13 2.26
N ASN C 381 -11.77 -13.66 3.50
CA ASN C 381 -10.74 -12.77 4.01
C ASN C 381 -9.60 -13.48 4.73
N PHE C 382 -9.59 -14.80 4.73
CA PHE C 382 -8.49 -15.59 5.27
C PHE C 382 -7.76 -16.29 4.13
N ASP C 383 -6.45 -16.39 4.26
CA ASP C 383 -5.64 -17.03 3.24
C ASP C 383 -5.71 -18.55 3.39
N ASP C 384 -5.27 -19.25 2.35
CA ASP C 384 -5.43 -20.69 2.28
C ASP C 384 -4.24 -21.39 2.92
N TYR C 385 -4.53 -22.45 3.67
CA TYR C 385 -3.49 -23.26 4.31
C TYR C 385 -3.68 -24.72 3.95
N GLU C 386 -2.56 -25.36 3.63
CA GLU C 386 -2.55 -26.81 3.44
C GLU C 386 -3.06 -27.51 4.69
N GLU C 387 -4.10 -28.34 4.53
CA GLU C 387 -4.79 -28.97 5.65
C GLU C 387 -4.15 -30.29 6.03
N GLU C 388 -4.60 -30.85 7.15
CA GLU C 388 -4.12 -32.15 7.61
C GLU C 388 -5.17 -32.80 8.49
N GLU C 389 -5.06 -34.12 8.64
CA GLU C 389 -5.98 -34.88 9.47
C GLU C 389 -5.62 -34.70 10.94
N ILE C 390 -6.63 -34.81 11.80
CA ILE C 390 -6.43 -34.66 13.24
C ILE C 390 -6.22 -36.06 13.84
N ARG C 391 -4.96 -36.39 14.14
CA ARG C 391 -4.65 -37.65 14.80
C ARG C 391 -5.04 -37.59 16.27
N VAL C 392 -5.70 -38.66 16.74
CA VAL C 392 -6.02 -38.81 18.16
C VAL C 392 -5.62 -40.19 18.68
N SEP C 393 -4.49 -40.27 19.39
CA SEP C 393 -3.99 -41.54 19.92
CB SEP C 393 -2.69 -41.35 20.74
OG SEP C 393 -1.52 -41.27 19.94
C SEP C 393 -5.02 -42.25 20.79
O SEP C 393 -5.97 -41.65 21.27
P SEP C 393 -0.98 -42.73 19.48
O1P SEP C 393 -1.87 -43.84 20.25
O2P SEP C 393 0.58 -42.92 19.79
O3P SEP C 393 -1.22 -42.89 17.89
N ILE C 394 -4.84 -43.54 20.95
CA ILE C 394 -5.72 -44.34 21.81
C ILE C 394 -5.17 -44.33 23.24
N ASN C 395 -3.89 -44.02 23.38
CA ASN C 395 -3.26 -43.89 24.69
C ASN C 395 -3.03 -42.41 24.99
N GLU C 396 -3.44 -41.98 26.20
CA GLU C 396 -3.40 -40.58 26.59
C GLU C 396 -1.98 -40.05 26.66
N LYS C 397 -1.75 -38.89 26.01
CA LYS C 397 -0.45 -38.21 26.02
C LYS C 397 -0.48 -37.08 27.05
N CYS C 398 0.53 -37.06 27.94
CA CYS C 398 0.79 -35.97 28.89
C CYS C 398 -0.39 -35.69 29.82
N GLY C 399 -0.94 -36.76 30.41
CA GLY C 399 -2.09 -36.58 31.28
C GLY C 399 -1.81 -35.68 32.48
N LYS C 400 -0.61 -35.79 33.04
CA LYS C 400 -0.19 -34.94 34.16
C LYS C 400 -0.18 -33.48 33.73
N GLU C 401 0.57 -33.19 32.66
CA GLU C 401 0.90 -31.81 32.28
C GLU C 401 -0.34 -30.96 32.08
N PHE C 402 -1.35 -31.52 31.43
CA PHE C 402 -2.56 -30.78 31.12
C PHE C 402 -3.73 -31.24 31.98
N SER C 403 -3.43 -31.81 33.15
CA SER C 403 -4.46 -32.19 34.11
C SER C 403 -5.38 -31.02 34.44
N GLU C 404 -4.85 -29.80 34.53
CA GLU C 404 -5.68 -28.65 34.90
C GLU C 404 -6.60 -28.18 33.79
N PHE C 405 -6.32 -28.55 32.54
CA PHE C 405 -7.05 -28.03 31.37
C PHE C 405 -8.46 -28.63 31.30
N THR D 1 13.90 4.21 -0.83
CA THR D 1 12.73 4.32 0.05
C THR D 1 12.80 3.32 1.22
N THR D 2 12.26 3.71 2.38
CA THR D 2 12.30 2.78 3.50
C THR D 2 11.29 1.65 3.37
N TYR D 3 10.19 1.84 2.62
CA TYR D 3 9.35 0.68 2.30
C TYR D 3 10.12 -0.34 1.50
N ALA D 4 11.01 0.12 0.62
CA ALA D 4 11.81 -0.82 -0.16
C ALA D 4 12.75 -1.61 0.75
N ASP D 5 13.49 -0.90 1.61
CA ASP D 5 14.25 -1.57 2.66
C ASP D 5 13.36 -2.55 3.43
N PHE D 6 12.10 -2.19 3.64
CA PHE D 6 11.22 -3.08 4.38
C PHE D 6 11.01 -4.39 3.64
N ILE D 7 10.67 -4.32 2.35
CA ILE D 7 10.45 -5.56 1.59
C ILE D 7 11.75 -6.34 1.41
N ALA D 8 12.90 -5.68 1.41
CA ALA D 8 14.19 -6.35 1.31
C ALA D 8 14.66 -7.02 2.60
N SER D 9 14.05 -6.70 3.73
CA SER D 9 14.41 -7.33 4.99
C SER D 9 13.91 -8.77 5.06
N GLY D 10 12.88 -9.11 4.29
CA GLY D 10 12.26 -10.40 4.42
C GLY D 10 11.32 -10.53 5.60
N ARG D 11 11.09 -9.46 6.37
CA ARG D 11 10.16 -9.54 7.50
C ARG D 11 8.82 -8.88 7.16
N THR D 12 8.26 -9.20 5.99
CA THR D 12 6.98 -8.64 5.59
C THR D 12 5.83 -9.63 5.67
N GLY D 13 6.12 -10.90 5.91
CA GLY D 13 5.08 -11.88 6.14
C GLY D 13 4.63 -11.90 7.60
N ARG D 14 3.77 -12.88 7.88
CA ARG D 14 3.29 -13.07 9.24
C ARG D 14 4.45 -13.46 10.15
N ARG D 15 4.66 -12.68 11.20
CA ARG D 15 5.80 -12.84 12.08
C ARG D 15 5.44 -13.76 13.24
N ASN D 16 6.24 -14.81 13.43
CA ASN D 16 6.01 -15.67 14.58
C ASN D 16 6.63 -15.04 15.81
N ALA D 17 6.05 -15.34 16.96
CA ALA D 17 6.63 -14.90 18.20
C ALA D 17 7.94 -15.63 18.45
N ILE D 18 8.62 -15.24 19.52
CA ILE D 18 9.84 -15.87 19.99
C ILE D 18 9.66 -16.01 21.50
N HIS D 19 10.26 -17.04 22.08
CA HIS D 19 10.26 -17.08 23.53
C HIS D 19 11.44 -17.86 24.04
N ASP D 20 11.85 -17.50 25.25
CA ASP D 20 13.16 -17.76 25.78
C ASP D 20 13.06 -18.03 27.28
C10 XTT E . -3.21 -9.41 -19.41
C13 XTT E . -10.43 -1.76 -18.62
C01 XTT E . -7.48 -4.82 -16.84
C02 XTT E . -6.50 -5.54 -15.78
C03 XTT E . -7.39 -3.69 -21.64
C04 XTT E . -9.09 -2.54 -20.40
C05 XTT E . -8.60 -3.13 -19.23
C06 XTT E . -7.46 -4.04 -19.33
C07 XTT E . -5.71 -7.00 -18.04
C08 XTT E . -5.95 -5.68 -18.58
C09 XTT E . -4.66 -8.10 -18.30
C11 XTT E . -4.06 -8.96 -17.39
C12 XTT E . -4.51 -7.70 -20.80
N01 XTT E . -6.87 -4.72 -18.20
N02 XTT E . -6.89 -4.28 -20.50
N03 XTT E . -8.46 -2.81 -21.67
N04 XTT E . -10.23 -1.69 -19.93
N05 XTT E . -9.49 -2.59 -18.17
N06 XTT E . -4.15 -8.37 -19.56
N07 XTT E . -3.17 -9.77 -18.10
O01 XTT E . -11.41 -1.09 -17.87
S01 XTT E . -6.08 -7.28 -16.30
C10 XTT F . -11.88 -16.36 15.24
C13 XTT F . -1.60 -18.77 15.78
C01 XTT F . -5.37 -17.51 13.74
C02 XTT F . -6.24 -16.78 12.60
C03 XTT F . -5.10 -17.60 18.67
C04 XTT F . -3.12 -18.29 17.52
C05 XTT F . -3.76 -18.00 16.31
C06 XTT F . -5.11 -17.49 16.34
C07 XTT F . -8.29 -17.00 14.46
C08 XTT F . -7.14 -16.75 15.29
C09 XTT F . -9.78 -16.69 14.50
C11 XTT F . -10.57 -16.36 13.42
C12 XTT F . -10.18 -16.97 16.99
N01 XTT F . -5.83 -17.16 15.10
N02 XTT F . -5.75 -17.30 17.48
N03 XTT F . -3.79 -18.09 18.77
N04 XTT F . -1.78 -18.76 17.09
N05 XTT F . -2.75 -18.32 15.28
N06 XTT F . -10.58 -16.69 15.63
N07 XTT F . -11.87 -16.15 13.89
O01 XTT F . -0.45 -19.18 15.08
S01 XTT F . -8.04 -17.24 12.71
#